data_5EAV
#
_entry.id   5EAV
#
_cell.length_a   56.338
_cell.length_b   61.067
_cell.length_c   63.597
_cell.angle_alpha   100.88
_cell.angle_beta   92.23
_cell.angle_gamma   108.14
#
_symmetry.space_group_name_H-M   'P 1'
#
loop_
_entity.id
_entity.type
_entity.pdbx_description
1 polymer 'Ornithine aminotransferase, mitochondrial, putative'
2 non-polymer 'SULFATE ION'
3 non-polymer DI(HYDROXYETHYL)ETHER
4 water water
#
_entity_poly.entity_id   1
_entity_poly.type   'polypeptide(L)'
_entity_poly.pdbx_seq_one_letter_code
;MATKSDGSASAAAEGGARKTNIEAYRDGLKLKTEEDFFACDRQYVCQNYAPVPVVISKGKGARVWDINGNEYYDFLAGVS
SLSQGHCHPRVIAALCRQAERLTLTLRAFGNDVTGPACRFMAEMFGYDRVLLMNTGAEAGESALKIARKWAYEVKEIPPD
SAKVILCNNNYWGRTITACSSSTTFDCYNNFGPFTPGFELIDYDDVGALEEALKDPNVAAFFVEPIQGEGGVNVPKPGYL
KRAHELCRSKNVLLIVDEIQTGLCRTGRLLAADHDEVHPDILLLGKSLSAGVVPISAVMGRADVMDVLKPGTHGSTFGGN
PLACAVAVEALTVLKDEKLADRAERLGAQFRDCLRRELYGKVPWIKEIRGRGLLNAVEVDSDAIDPNDVVMKLKENGILS
KPTRGRVMRFIPPLVITDEEHRDATTRIIKSFLAVEEERKK
;
_entity_poly.pdbx_strand_id   A,B
#
loop_
_chem_comp.id
_chem_comp.type
_chem_comp.name
_chem_comp.formula
PEG non-polymer DI(HYDROXYETHYL)ETHER 'C4 H10 O3'
SO4 non-polymer 'SULFATE ION' 'O4 S -2'
#
# COMPACT_ATOMS: atom_id res chain seq x y z
N ARG A 18 -18.13 12.61 22.46
CA ARG A 18 -17.69 13.72 21.55
C ARG A 18 -17.47 13.14 20.14
N LYS A 19 -18.35 13.47 19.20
CA LYS A 19 -18.27 12.92 17.82
C LYS A 19 -17.07 13.32 16.95
N THR A 20 -16.43 12.31 16.37
CA THR A 20 -15.33 12.55 15.42
C THR A 20 -15.97 12.95 14.06
N ASN A 21 -15.16 13.43 13.12
CA ASN A 21 -15.71 13.97 11.92
C ASN A 21 -16.50 13.01 11.07
N ILE A 22 -16.01 11.77 10.96
CA ILE A 22 -16.76 10.81 10.15
C ILE A 22 -18.13 10.56 10.75
N GLU A 23 -18.20 10.51 12.06
CA GLU A 23 -19.46 10.29 12.76
C GLU A 23 -20.45 11.43 12.50
N ALA A 24 -19.97 12.65 12.68
CA ALA A 24 -20.83 13.82 12.52
C ALA A 24 -21.25 13.95 11.08
N TYR A 25 -20.32 13.69 10.16
CA TYR A 25 -20.64 13.81 8.75
C TYR A 25 -21.68 12.79 8.36
N ARG A 26 -21.46 11.54 8.75
CA ARG A 26 -22.42 10.47 8.44
C ARG A 26 -23.78 10.76 9.06
N ASP A 27 -23.81 11.28 10.28
CA ASP A 27 -25.12 11.61 10.90
C ASP A 27 -25.87 12.62 10.05
N GLY A 28 -25.15 13.57 9.44
CA GLY A 28 -25.76 14.57 8.59
C GLY A 28 -26.41 13.99 7.33
N LEU A 29 -25.94 12.85 6.85
CA LEU A 29 -26.47 12.17 5.64
C LEU A 29 -27.79 11.44 5.89
N LYS A 30 -28.15 11.27 7.15
CA LYS A 30 -29.42 10.64 7.47
C LYS A 30 -29.54 9.29 6.75
N LEU A 31 -28.54 8.43 6.95
CA LEU A 31 -28.53 7.07 6.36
C LEU A 31 -29.04 6.11 7.43
N LYS A 32 -30.30 5.71 7.28
CA LYS A 32 -30.97 4.83 8.26
C LYS A 32 -31.02 3.35 7.86
N THR A 33 -31.45 3.06 6.63
CA THR A 33 -31.54 1.69 6.19
C THR A 33 -30.31 1.18 5.45
N GLU A 34 -30.21 -0.13 5.29
CA GLU A 34 -29.11 -0.70 4.47
C GLU A 34 -29.16 -0.14 3.03
N GLU A 35 -30.36 0.01 2.49
CA GLU A 35 -30.51 0.57 1.14
C GLU A 35 -29.94 2.00 1.05
N ASP A 36 -30.10 2.81 2.08
CA ASP A 36 -29.53 4.17 2.07
C ASP A 36 -28.02 4.09 1.88
N PHE A 37 -27.41 3.12 2.55
CA PHE A 37 -25.97 2.93 2.41
C PHE A 37 -25.60 2.38 1.04
N PHE A 38 -26.39 1.44 0.51
CA PHE A 38 -26.09 0.90 -0.81
C PHE A 38 -26.15 2.02 -1.85
N ALA A 39 -27.10 2.95 -1.70
CA ALA A 39 -27.23 4.01 -2.68
C ALA A 39 -26.08 5.01 -2.56
N CYS A 40 -25.64 5.29 -1.35
CA CYS A 40 -24.51 6.19 -1.17
C CYS A 40 -23.28 5.56 -1.85
N ASP A 41 -23.10 4.26 -1.68
CA ASP A 41 -21.97 3.56 -2.27
C ASP A 41 -22.05 3.61 -3.80
N ARG A 42 -23.23 3.32 -4.36
CA ARG A 42 -23.36 3.39 -5.80
C ARG A 42 -23.04 4.75 -6.40
N GLN A 43 -23.36 5.83 -5.70
CA GLN A 43 -23.18 7.16 -6.25
C GLN A 43 -21.77 7.71 -6.17
N TYR A 44 -21.11 7.45 -5.07
CA TYR A 44 -19.81 8.03 -4.78
C TYR A 44 -18.56 7.17 -4.79
N VAL A 45 -18.72 5.88 -4.60
CA VAL A 45 -17.59 4.94 -4.54
C VAL A 45 -17.39 4.35 -5.91
N CYS A 46 -16.15 4.31 -6.37
CA CYS A 46 -15.83 3.71 -7.65
C CYS A 46 -16.41 2.32 -7.65
N GLN A 47 -17.12 1.97 -8.72
CA GLN A 47 -17.86 0.70 -8.73
C GLN A 47 -17.15 -0.55 -9.22
N ASN A 48 -15.95 -0.74 -8.68
CA ASN A 48 -15.15 -1.89 -9.03
C ASN A 48 -15.39 -3.11 -8.17
N TYR A 49 -16.37 -3.06 -7.25
CA TYR A 49 -16.78 -4.25 -6.50
C TYR A 49 -18.27 -4.53 -6.70
N ALA A 50 -18.63 -5.80 -6.58
CA ALA A 50 -20.03 -6.25 -6.62
C ALA A 50 -20.27 -6.74 -5.20
N PRO A 51 -20.46 -5.82 -4.23
CA PRO A 51 -20.58 -6.30 -2.84
C PRO A 51 -21.87 -7.05 -2.49
N VAL A 52 -21.77 -7.83 -1.41
CA VAL A 52 -22.90 -8.59 -0.82
C VAL A 52 -23.75 -7.53 -0.13
N PRO A 53 -25.08 -7.66 -0.18
CA PRO A 53 -25.87 -6.66 0.50
C PRO A 53 -25.95 -6.82 2.02
N VAL A 54 -24.90 -6.38 2.71
CA VAL A 54 -24.88 -6.33 4.16
C VAL A 54 -24.09 -5.06 4.47
N VAL A 55 -24.49 -4.35 5.51
CA VAL A 55 -23.80 -3.15 5.97
C VAL A 55 -23.30 -3.42 7.40
N ILE A 56 -22.01 -3.74 7.50
CA ILE A 56 -21.42 -4.06 8.77
C ILE A 56 -21.02 -2.79 9.48
N SER A 57 -21.23 -2.76 10.80
CA SER A 57 -20.89 -1.63 11.62
C SER A 57 -19.86 -1.96 12.68
N LYS A 58 -19.80 -3.20 13.13
CA LYS A 58 -18.81 -3.52 14.13
C LYS A 58 -18.41 -4.96 14.02
N GLY A 59 -17.23 -5.27 14.56
CA GLY A 59 -16.74 -6.61 14.54
C GLY A 59 -15.98 -6.91 15.79
N LYS A 60 -16.10 -8.14 16.27
CA LYS A 60 -15.36 -8.58 17.47
C LYS A 60 -15.07 -10.05 17.27
N GLY A 61 -13.81 -10.42 17.19
CA GLY A 61 -13.48 -11.83 17.01
C GLY A 61 -13.97 -12.37 15.69
N ALA A 62 -14.72 -13.48 15.76
CA ALA A 62 -15.26 -14.14 14.57
C ALA A 62 -16.61 -13.57 14.13
N ARG A 63 -17.12 -12.62 14.88
CA ARG A 63 -18.42 -12.06 14.59
C ARG A 63 -18.43 -10.61 14.14
N VAL A 64 -19.42 -10.28 13.33
CA VAL A 64 -19.67 -8.89 12.94
C VAL A 64 -21.14 -8.63 13.12
N TRP A 65 -21.48 -7.36 13.23
CA TRP A 65 -22.85 -6.95 13.35
C TRP A 65 -23.17 -5.91 12.32
N ASP A 66 -24.36 -6.04 11.73
CA ASP A 66 -24.80 -5.01 10.79
C ASP A 66 -25.37 -3.77 11.51
N ILE A 67 -25.78 -2.78 10.73
CA ILE A 67 -26.28 -1.52 11.29
C ILE A 67 -27.57 -1.65 12.10
N ASN A 68 -28.24 -2.78 11.95
CA ASN A 68 -29.47 -3.05 12.70
C ASN A 68 -29.25 -4.03 13.86
N GLY A 69 -27.97 -4.31 14.17
CA GLY A 69 -27.66 -5.23 15.24
C GLY A 69 -27.76 -6.73 14.92
N ASN A 70 -27.99 -7.13 13.69
CA ASN A 70 -28.01 -8.54 13.36
C ASN A 70 -26.58 -9.08 13.40
N GLU A 71 -26.39 -10.21 14.07
CA GLU A 71 -25.10 -10.85 14.19
C GLU A 71 -24.85 -11.81 13.04
N TYR A 72 -23.58 -11.90 12.62
CA TYR A 72 -23.14 -12.83 11.58
C TYR A 72 -21.76 -13.33 11.91
N TYR A 73 -21.44 -14.48 11.36
CA TYR A 73 -20.09 -15.00 11.43
C TYR A 73 -19.42 -14.57 10.14
N ASP A 74 -18.24 -13.97 10.27
CA ASP A 74 -17.48 -13.57 9.10
C ASP A 74 -16.64 -14.75 8.66
N PHE A 75 -17.02 -15.35 7.53
CA PHE A 75 -16.26 -16.47 6.96
C PHE A 75 -15.37 -16.09 5.77
N LEU A 76 -15.03 -14.82 5.70
CA LEU A 76 -14.11 -14.36 4.68
C LEU A 76 -12.88 -13.82 5.40
N ALA A 77 -13.12 -13.11 6.48
CA ALA A 77 -12.04 -12.60 7.34
C ALA A 77 -10.98 -11.86 6.55
N GLY A 78 -11.42 -10.99 5.67
CA GLY A 78 -10.49 -10.21 4.86
C GLY A 78 -9.61 -11.05 3.98
N VAL A 79 -10.14 -12.22 3.58
CA VAL A 79 -9.41 -13.23 2.81
C VAL A 79 -8.11 -13.56 3.59
N SER A 80 -8.29 -13.83 4.87
CA SER A 80 -7.27 -14.19 5.83
C SER A 80 -6.40 -13.05 6.30
N SER A 81 -6.99 -11.86 6.31
CA SER A 81 -6.38 -10.70 6.92
C SER A 81 -6.75 -10.57 8.39
N LEU A 82 -7.83 -11.23 8.80
CA LEU A 82 -8.36 -11.10 10.17
C LEU A 82 -8.26 -12.41 10.94
N SER A 83 -7.12 -13.10 10.83
CA SER A 83 -6.92 -14.33 11.53
C SER A 83 -7.07 -14.20 13.04
N GLN A 84 -6.63 -13.08 13.57
CA GLN A 84 -6.72 -12.80 14.98
C GLN A 84 -8.11 -12.28 15.41
N GLY A 85 -9.06 -12.26 14.48
CA GLY A 85 -10.37 -11.75 14.74
C GLY A 85 -10.46 -10.26 14.53
N HIS A 86 -11.67 -9.77 14.33
CA HIS A 86 -11.92 -8.34 14.28
C HIS A 86 -11.60 -7.70 15.63
N CYS A 87 -10.95 -6.56 15.54
CA CYS A 87 -10.62 -5.75 16.69
C CYS A 87 -10.05 -6.51 17.87
N HIS A 88 -8.98 -7.24 17.63
CA HIS A 88 -8.36 -7.98 18.71
C HIS A 88 -7.87 -6.96 19.74
N PRO A 89 -8.32 -7.09 20.99
CA PRO A 89 -7.97 -6.07 22.00
C PRO A 89 -6.47 -5.79 22.23
N ARG A 90 -5.64 -6.81 22.10
CA ARG A 90 -4.21 -6.55 22.27
C ARG A 90 -3.69 -5.74 21.12
N VAL A 91 -4.17 -6.06 19.93
CA VAL A 91 -3.68 -5.39 18.74
C VAL A 91 -4.15 -3.96 18.73
N ILE A 92 -5.43 -3.72 19.07
CA ILE A 92 -5.98 -2.38 19.13
C ILE A 92 -5.28 -1.58 20.21
N ALA A 93 -4.92 -2.21 21.34
CA ALA A 93 -4.20 -1.50 22.41
C ALA A 93 -2.80 -1.06 21.93
N ALA A 94 -2.10 -1.95 21.22
CA ALA A 94 -0.77 -1.65 20.69
C ALA A 94 -0.85 -0.51 19.68
N LEU A 95 -1.90 -0.50 18.84
CA LEU A 95 -2.09 0.55 17.92
C LEU A 95 -2.27 1.87 18.62
N CYS A 96 -3.19 1.90 19.58
CA CYS A 96 -3.51 3.16 20.26
C CYS A 96 -2.29 3.70 21.04
N ARG A 97 -1.50 2.81 21.59
CA ARG A 97 -0.33 3.25 22.37
C ARG A 97 0.72 3.89 21.49
N GLN A 98 1.05 3.22 20.41
CA GLN A 98 2.06 3.75 19.51
C GLN A 98 1.56 4.99 18.78
N ALA A 99 0.27 5.03 18.44
CA ALA A 99 -0.25 6.19 17.73
C ALA A 99 -0.19 7.51 18.54
N GLU A 100 -0.17 7.43 19.85
CA GLU A 100 -0.06 8.63 20.65
C GLU A 100 1.41 9.10 20.72
N ARG A 101 2.34 8.27 20.24
N ARG A 101 2.34 8.26 20.23
CA ARG A 101 3.77 8.58 20.34
CA ARG A 101 3.76 8.57 20.37
C ARG A 101 4.44 8.97 19.06
C ARG A 101 4.46 8.95 19.08
N LEU A 102 4.22 8.17 18.02
CA LEU A 102 4.92 8.37 16.74
C LEU A 102 4.34 7.43 15.71
N THR A 103 3.93 7.97 14.55
CA THR A 103 3.39 7.09 13.52
C THR A 103 4.24 6.97 12.24
N LEU A 104 4.94 8.02 11.88
CA LEU A 104 5.70 8.04 10.66
C LEU A 104 6.93 8.90 10.80
N THR A 105 8.06 8.36 10.41
CA THR A 105 9.26 9.11 10.32
C THR A 105 9.83 9.16 8.95
N LEU A 106 9.47 8.17 8.12
CA LEU A 106 10.06 7.79 6.85
C LEU A 106 11.31 6.99 7.18
N ARG A 107 11.74 6.18 6.22
CA ARG A 107 13.04 5.50 6.46
C ARG A 107 14.27 6.36 6.22
N ALA A 108 14.03 7.63 5.86
CA ALA A 108 15.10 8.62 5.72
C ALA A 108 15.65 8.97 7.10
N PHE A 109 14.88 8.69 8.16
CA PHE A 109 15.35 8.94 9.55
C PHE A 109 15.25 7.65 10.38
N GLY A 110 16.11 7.44 11.39
CA GLY A 110 15.93 6.30 12.22
C GLY A 110 14.79 6.53 13.23
N ASN A 111 14.36 5.44 13.84
CA ASN A 111 13.39 5.49 14.90
C ASN A 111 13.60 4.29 15.83
N ASP A 112 12.87 4.28 16.96
CA ASP A 112 13.10 3.22 17.95
C ASP A 112 12.19 2.00 17.80
N VAL A 113 11.54 1.88 16.65
CA VAL A 113 10.64 0.75 16.41
C VAL A 113 10.92 -0.15 15.18
N THR A 114 11.33 0.44 14.09
CA THR A 114 11.45 -0.29 12.81
C THR A 114 12.48 -1.41 12.89
N GLY A 115 13.67 -1.10 13.42
CA GLY A 115 14.72 -2.10 13.54
C GLY A 115 14.30 -3.24 14.44
N PRO A 116 13.87 -2.92 15.67
CA PRO A 116 13.38 -3.98 16.54
C PRO A 116 12.29 -4.84 15.93
N ALA A 117 11.31 -4.25 15.25
CA ALA A 117 10.26 -5.03 14.64
C ALA A 117 10.82 -5.94 13.53
N CYS A 118 11.75 -5.44 12.75
CA CYS A 118 12.40 -6.27 11.73
C CYS A 118 13.20 -7.41 12.37
N ARG A 119 13.95 -7.14 13.44
CA ARG A 119 14.65 -8.17 14.13
C ARG A 119 13.67 -9.22 14.64
N PHE A 120 12.59 -8.78 15.24
CA PHE A 120 11.56 -9.71 15.73
C PHE A 120 11.09 -10.64 14.60
N MET A 121 10.84 -10.07 13.42
CA MET A 121 10.38 -10.87 12.27
C MET A 121 11.48 -11.75 11.70
N ALA A 122 12.69 -11.20 11.57
CA ALA A 122 13.84 -11.96 11.09
C ALA A 122 14.07 -13.22 11.91
N GLU A 123 13.87 -13.12 13.22
CA GLU A 123 14.08 -14.25 14.12
C GLU A 123 12.94 -15.22 14.14
N MET A 124 11.71 -14.71 14.01
CA MET A 124 10.54 -15.57 13.98
C MET A 124 10.49 -16.41 12.71
N PHE A 125 10.93 -15.85 11.60
CA PHE A 125 10.83 -16.57 10.31
C PHE A 125 12.12 -17.12 9.75
N GLY A 126 13.25 -16.76 10.37
CA GLY A 126 14.55 -17.32 9.97
C GLY A 126 15.21 -16.71 8.74
N TYR A 127 15.20 -15.39 8.65
CA TYR A 127 15.78 -14.67 7.52
C TYR A 127 16.76 -13.60 7.98
N ASP A 128 17.69 -13.24 7.13
CA ASP A 128 18.67 -12.21 7.41
C ASP A 128 18.11 -10.79 7.39
N ARG A 129 17.26 -10.51 6.41
CA ARG A 129 16.81 -9.17 6.19
C ARG A 129 15.34 -9.11 5.89
N VAL A 130 14.72 -8.07 6.39
CA VAL A 130 13.28 -7.85 6.25
C VAL A 130 13.00 -6.51 5.59
N LEU A 131 12.29 -6.57 4.48
CA LEU A 131 11.84 -5.37 3.77
C LEU A 131 10.33 -5.23 4.08
N LEU A 132 9.97 -4.12 4.72
CA LEU A 132 8.56 -3.85 5.05
C LEU A 132 7.95 -2.88 4.04
N MET A 133 6.83 -3.32 3.51
CA MET A 133 6.06 -2.54 2.56
C MET A 133 4.62 -2.44 3.13
N ASN A 134 3.65 -2.05 2.31
CA ASN A 134 2.30 -1.83 2.83
C ASN A 134 1.31 -2.86 2.36
N THR A 135 1.25 -3.10 1.06
CA THR A 135 0.30 -4.04 0.52
C THR A 135 0.95 -5.35 0.04
N GLY A 136 0.09 -6.35 -0.14
CA GLY A 136 0.55 -7.61 -0.65
C GLY A 136 1.13 -7.43 -2.04
N ALA A 137 0.43 -6.68 -2.90
CA ALA A 137 0.95 -6.43 -4.25
C ALA A 137 2.32 -5.78 -4.20
N GLU A 138 2.50 -4.86 -3.29
CA GLU A 138 3.85 -4.21 -3.15
C GLU A 138 4.92 -5.21 -2.74
N ALA A 139 4.56 -6.17 -1.89
CA ALA A 139 5.48 -7.25 -1.49
C ALA A 139 5.86 -8.07 -2.72
N GLY A 140 4.88 -8.41 -3.54
CA GLY A 140 5.18 -9.20 -4.70
C GLY A 140 5.98 -8.39 -5.71
N GLU A 141 5.64 -7.13 -5.92
CA GLU A 141 6.41 -6.28 -6.83
C GLU A 141 7.87 -6.21 -6.37
N SER A 142 8.03 -5.98 -5.08
CA SER A 142 9.33 -5.83 -4.51
C SER A 142 10.19 -7.08 -4.71
N ALA A 143 9.58 -8.21 -4.49
CA ALA A 143 10.23 -9.50 -4.69
C ALA A 143 10.65 -9.71 -6.14
N LEU A 144 9.78 -9.33 -7.12
CA LEU A 144 10.13 -9.47 -8.51
C LEU A 144 11.30 -8.57 -8.86
N LYS A 145 11.29 -7.33 -8.36
CA LYS A 145 12.41 -6.41 -8.60
C LYS A 145 13.72 -6.99 -7.99
N ILE A 146 13.64 -7.55 -6.79
CA ILE A 146 14.81 -8.16 -6.11
C ILE A 146 15.31 -9.34 -6.95
N ALA A 147 14.40 -10.18 -7.43
CA ALA A 147 14.79 -11.35 -8.17
C ALA A 147 15.45 -10.94 -9.49
N ARG A 148 14.86 -9.92 -10.14
CA ARG A 148 15.44 -9.44 -11.40
C ARG A 148 16.82 -8.89 -11.21
N LYS A 149 16.97 -8.01 -10.22
CA LYS A 149 18.21 -7.35 -9.95
C LYS A 149 19.29 -8.35 -9.57
N TRP A 150 18.94 -9.29 -8.73
CA TRP A 150 19.81 -10.38 -8.34
C TRP A 150 20.24 -11.19 -9.56
N ALA A 151 19.29 -11.50 -10.46
CA ALA A 151 19.61 -12.27 -11.63
C ALA A 151 20.58 -11.54 -12.53
N TYR A 152 20.37 -10.23 -12.66
CA TYR A 152 21.29 -9.47 -13.49
C TYR A 152 22.70 -9.33 -12.89
N GLU A 153 22.75 -9.12 -11.58
CA GLU A 153 24.00 -8.81 -10.88
C GLU A 153 24.79 -9.97 -10.31
N VAL A 154 24.10 -11.00 -9.86
CA VAL A 154 24.72 -12.19 -9.26
C VAL A 154 24.72 -13.36 -10.26
N LYS A 155 23.58 -13.67 -10.89
CA LYS A 155 23.58 -14.73 -11.92
C LYS A 155 24.24 -14.26 -13.20
N GLU A 156 24.28 -12.96 -13.41
CA GLU A 156 24.87 -12.36 -14.59
C GLU A 156 24.14 -12.70 -15.89
N ILE A 157 22.82 -12.89 -15.83
CA ILE A 157 22.11 -13.13 -17.08
C ILE A 157 22.09 -11.86 -17.97
N PRO A 158 21.88 -12.00 -19.28
CA PRO A 158 21.91 -10.83 -20.16
C PRO A 158 20.92 -9.68 -19.79
N PRO A 159 21.27 -8.42 -20.10
CA PRO A 159 20.38 -7.33 -19.73
C PRO A 159 18.98 -7.48 -20.31
N ASP A 160 17.98 -7.13 -19.49
CA ASP A 160 16.57 -7.24 -19.83
C ASP A 160 16.03 -8.62 -20.19
N SER A 161 16.78 -9.69 -19.94
CA SER A 161 16.35 -11.05 -20.33
C SER A 161 15.74 -11.84 -19.20
N ALA A 162 15.73 -11.28 -17.98
CA ALA A 162 15.20 -12.00 -16.82
C ALA A 162 13.77 -12.47 -17.02
N LYS A 163 13.54 -13.73 -16.66
CA LYS A 163 12.22 -14.32 -16.73
C LYS A 163 11.77 -14.77 -15.34
N VAL A 164 10.46 -14.69 -15.08
CA VAL A 164 9.91 -15.21 -13.85
C VAL A 164 8.81 -16.16 -14.24
N ILE A 165 8.82 -17.33 -13.64
CA ILE A 165 7.81 -18.32 -13.86
C ILE A 165 6.73 -18.15 -12.84
N LEU A 166 5.48 -18.12 -13.27
CA LEU A 166 4.35 -18.23 -12.36
C LEU A 166 3.32 -19.20 -12.88
N CYS A 167 2.28 -19.38 -12.09
CA CYS A 167 1.28 -20.37 -12.42
C CYS A 167 -0.04 -19.79 -12.91
N ASN A 168 -0.68 -20.52 -13.81
CA ASN A 168 -2.01 -20.12 -14.25
C ASN A 168 -2.93 -19.98 -13.04
N ASN A 169 -3.85 -19.00 -13.10
CA ASN A 169 -4.75 -18.69 -12.02
C ASN A 169 -4.08 -18.09 -10.78
N ASN A 170 -2.82 -17.69 -10.91
CA ASN A 170 -2.17 -17.02 -9.77
C ASN A 170 -2.81 -15.66 -9.51
N TYR A 171 -2.72 -15.22 -8.28
CA TYR A 171 -3.20 -13.90 -7.95
C TYR A 171 -2.22 -13.32 -6.96
N TRP A 172 -1.66 -12.16 -7.28
CA TRP A 172 -0.74 -11.48 -6.32
C TRP A 172 -0.95 -9.99 -6.26
N GLY A 173 -1.87 -9.50 -7.04
CA GLY A 173 -2.07 -8.05 -7.00
C GLY A 173 -2.74 -7.48 -8.16
N ARG A 174 -2.85 -6.15 -8.17
CA ARG A 174 -3.58 -5.45 -9.22
C ARG A 174 -2.74 -4.41 -9.95
N THR A 175 -1.43 -4.35 -9.65
CA THR A 175 -0.61 -3.47 -10.40
C THR A 175 -0.58 -3.90 -11.87
N ILE A 176 -0.06 -3.04 -12.75
CA ILE A 176 0.00 -3.39 -14.19
C ILE A 176 0.90 -4.60 -14.39
N THR A 177 1.98 -4.70 -13.62
CA THR A 177 2.84 -5.86 -13.75
C THR A 177 2.14 -7.14 -13.24
N ALA A 178 1.29 -7.03 -12.23
CA ALA A 178 0.58 -8.20 -11.77
C ALA A 178 -0.41 -8.61 -12.84
N CYS A 179 -1.07 -7.64 -13.45
CA CYS A 179 -2.05 -7.93 -14.54
C CYS A 179 -1.34 -8.63 -15.69
N SER A 180 -0.13 -8.19 -15.98
CA SER A 180 0.74 -8.72 -17.04
C SER A 180 1.13 -10.17 -16.85
N SER A 181 0.99 -10.67 -15.63
CA SER A 181 1.33 -12.04 -15.27
C SER A 181 0.15 -12.83 -14.78
N SER A 182 -1.06 -12.37 -15.13
CA SER A 182 -2.29 -13.05 -14.71
C SER A 182 -2.86 -13.77 -15.94
N THR A 183 -3.54 -14.86 -15.68
CA THR A 183 -4.31 -15.54 -16.74
C THR A 183 -5.81 -15.34 -16.53
N THR A 184 -6.19 -14.42 -15.65
CA THR A 184 -7.61 -14.16 -15.39
C THR A 184 -8.06 -13.04 -16.28
N PHE A 185 -9.05 -13.29 -17.13
CA PHE A 185 -9.44 -12.28 -18.08
C PHE A 185 -9.76 -10.92 -17.54
N ASP A 186 -10.64 -10.87 -16.54
CA ASP A 186 -11.00 -9.59 -15.98
C ASP A 186 -9.84 -8.87 -15.31
N CYS A 187 -8.80 -9.59 -14.91
N CYS A 187 -8.80 -9.60 -14.93
CA CYS A 187 -7.66 -8.92 -14.29
CA CYS A 187 -7.64 -8.98 -14.26
C CYS A 187 -6.77 -8.16 -15.28
C CYS A 187 -6.71 -8.24 -15.23
N TYR A 188 -6.60 -8.71 -16.48
CA TYR A 188 -5.71 -8.09 -17.49
C TYR A 188 -6.42 -7.37 -18.65
N ASN A 189 -7.65 -7.74 -19.00
CA ASN A 189 -8.28 -7.17 -20.18
C ASN A 189 -8.28 -5.67 -20.24
N ASN A 190 -7.76 -5.14 -21.34
CA ASN A 190 -7.76 -3.71 -21.63
C ASN A 190 -6.89 -2.89 -20.70
N PHE A 191 -5.94 -3.55 -20.07
CA PHE A 191 -4.99 -2.86 -19.18
C PHE A 191 -3.56 -2.81 -19.70
N GLY A 192 -3.37 -3.31 -20.92
CA GLY A 192 -2.05 -3.35 -21.55
C GLY A 192 -1.67 -2.05 -22.18
N PRO A 193 -0.51 -1.99 -22.84
CA PRO A 193 0.43 -3.12 -23.03
C PRO A 193 1.13 -3.58 -21.74
N PHE A 194 1.50 -4.85 -21.76
CA PHE A 194 1.98 -5.51 -20.56
C PHE A 194 3.45 -5.61 -20.34
N THR A 195 3.82 -5.73 -19.07
CA THR A 195 5.18 -5.93 -18.74
C THR A 195 5.62 -7.34 -19.24
N PRO A 196 6.67 -7.39 -20.07
CA PRO A 196 7.19 -8.69 -20.51
C PRO A 196 7.98 -9.41 -19.41
N GLY A 197 8.43 -10.61 -19.71
CA GLY A 197 9.30 -11.38 -18.80
C GLY A 197 8.63 -12.44 -17.93
N PHE A 198 7.41 -12.89 -18.29
CA PHE A 198 6.71 -13.91 -17.50
C PHE A 198 6.36 -15.13 -18.32
N GLU A 199 6.60 -16.30 -17.73
CA GLU A 199 6.30 -17.59 -18.31
C GLU A 199 5.24 -18.23 -17.43
N LEU A 200 4.06 -18.47 -17.99
CA LEU A 200 2.99 -19.09 -17.20
C LEU A 200 2.93 -20.60 -17.42
N ILE A 201 2.85 -21.35 -16.33
CA ILE A 201 2.69 -22.81 -16.39
C ILE A 201 1.52 -23.25 -15.53
N ASP A 202 0.97 -24.45 -15.76
CA ASP A 202 -0.08 -24.97 -14.87
C ASP A 202 0.44 -25.04 -13.43
N TYR A 203 -0.46 -24.79 -12.48
CA TYR A 203 -0.15 -24.97 -11.08
C TYR A 203 -0.16 -26.47 -10.81
N ASP A 204 0.55 -26.88 -9.78
CA ASP A 204 0.57 -28.28 -9.33
C ASP A 204 1.03 -29.20 -10.46
N ASP A 205 2.09 -28.80 -11.15
CA ASP A 205 2.61 -29.57 -12.28
C ASP A 205 4.12 -29.48 -12.27
N VAL A 206 4.74 -30.46 -11.63
CA VAL A 206 6.21 -30.46 -11.50
C VAL A 206 6.91 -30.61 -12.83
N GLY A 207 6.36 -31.43 -13.72
CA GLY A 207 6.92 -31.60 -15.06
C GLY A 207 6.99 -30.30 -15.88
N ALA A 208 5.93 -29.48 -15.78
CA ALA A 208 5.86 -28.21 -16.52
C ALA A 208 6.90 -27.24 -15.97
N LEU A 209 7.09 -27.27 -14.65
CA LEU A 209 8.09 -26.44 -14.03
C LEU A 209 9.47 -26.87 -14.47
N GLU A 210 9.74 -28.16 -14.46
CA GLU A 210 11.05 -28.66 -14.88
C GLU A 210 11.39 -28.20 -16.29
N GLU A 211 10.42 -28.30 -17.21
CA GLU A 211 10.64 -27.83 -18.57
C GLU A 211 10.89 -26.34 -18.64
N ALA A 212 10.08 -25.55 -17.93
CA ALA A 212 10.27 -24.07 -17.91
C ALA A 212 11.63 -23.65 -17.30
N LEU A 213 12.14 -24.43 -16.37
CA LEU A 213 13.45 -24.17 -15.75
C LEU A 213 14.68 -24.45 -16.65
N LYS A 214 14.47 -25.01 -17.83
CA LYS A 214 15.58 -25.21 -18.79
C LYS A 214 16.06 -23.86 -19.39
N ASP A 215 15.21 -22.83 -19.34
CA ASP A 215 15.61 -21.52 -19.86
C ASP A 215 16.57 -20.94 -18.81
N PRO A 216 17.84 -20.71 -19.17
CA PRO A 216 18.81 -20.19 -18.20
C PRO A 216 18.59 -18.70 -17.76
N ASN A 217 17.65 -18.00 -18.41
CA ASN A 217 17.36 -16.62 -18.07
C ASN A 217 16.27 -16.53 -16.97
N VAL A 218 15.83 -17.65 -16.44
CA VAL A 218 14.85 -17.62 -15.36
C VAL A 218 15.52 -17.15 -14.10
N ALA A 219 14.93 -16.14 -13.44
CA ALA A 219 15.43 -15.59 -12.18
C ALA A 219 14.72 -16.22 -10.98
N ALA A 220 13.44 -16.55 -11.14
CA ALA A 220 12.67 -17.05 -10.04
C ALA A 220 11.46 -17.79 -10.49
N PHE A 221 10.95 -18.60 -9.57
CA PHE A 221 9.64 -19.24 -9.69
C PHE A 221 8.85 -18.65 -8.52
N PHE A 222 7.68 -18.05 -8.82
CA PHE A 222 6.83 -17.35 -7.88
C PHE A 222 5.57 -18.17 -7.76
N VAL A 223 5.32 -18.68 -6.56
CA VAL A 223 4.21 -19.57 -6.33
C VAL A 223 3.53 -19.47 -4.97
N GLU A 224 2.24 -19.84 -4.91
CA GLU A 224 1.47 -19.88 -3.67
C GLU A 224 1.44 -21.36 -3.21
N PRO A 225 1.60 -21.66 -1.90
CA PRO A 225 1.54 -23.07 -1.46
C PRO A 225 0.16 -23.70 -1.68
N ILE A 226 -0.83 -22.86 -1.71
CA ILE A 226 -2.23 -23.17 -2.05
C ILE A 226 -2.73 -21.95 -2.79
N GLN A 227 -3.23 -22.11 -4.02
CA GLN A 227 -3.76 -20.95 -4.75
C GLN A 227 -5.02 -20.46 -4.06
N GLY A 228 -5.01 -19.19 -3.65
CA GLY A 228 -6.14 -18.61 -2.95
C GLY A 228 -7.24 -18.18 -3.88
N GLU A 229 -7.04 -17.06 -4.59
CA GLU A 229 -8.10 -16.56 -5.50
C GLU A 229 -8.40 -17.54 -6.61
N GLY A 230 -7.43 -18.40 -6.95
CA GLY A 230 -7.64 -19.44 -7.96
C GLY A 230 -8.63 -20.53 -7.57
N GLY A 231 -9.05 -20.54 -6.29
CA GLY A 231 -10.05 -21.51 -5.80
C GLY A 231 -9.64 -22.42 -4.67
N VAL A 232 -8.68 -22.00 -3.83
CA VAL A 232 -8.19 -22.86 -2.73
C VAL A 232 -7.74 -24.19 -3.35
N ASN A 233 -6.86 -24.07 -4.35
CA ASN A 233 -6.30 -25.22 -5.06
C ASN A 233 -5.12 -25.75 -4.27
N VAL A 234 -5.34 -26.90 -3.65
CA VAL A 234 -4.32 -27.56 -2.85
C VAL A 234 -3.55 -28.47 -3.78
N PRO A 235 -2.23 -28.30 -3.84
CA PRO A 235 -1.42 -29.14 -4.74
C PRO A 235 -1.24 -30.57 -4.20
N LYS A 236 -0.80 -31.47 -5.06
CA LYS A 236 -0.54 -32.86 -4.68
C LYS A 236 0.61 -32.96 -3.70
N PRO A 237 0.65 -34.07 -2.96
CA PRO A 237 1.75 -34.25 -2.01
C PRO A 237 3.13 -34.03 -2.64
N GLY A 238 3.97 -33.30 -1.92
CA GLY A 238 5.37 -33.00 -2.31
C GLY A 238 5.59 -31.91 -3.34
N TYR A 239 4.51 -31.23 -3.73
CA TYR A 239 4.66 -30.25 -4.78
C TYR A 239 5.70 -29.21 -4.49
N LEU A 240 5.57 -28.52 -3.38
CA LEU A 240 6.48 -27.43 -3.12
C LEU A 240 7.89 -27.93 -2.86
N LYS A 241 8.04 -29.07 -2.19
CA LYS A 241 9.38 -29.64 -1.94
C LYS A 241 10.10 -29.95 -3.29
N ARG A 242 9.38 -30.61 -4.19
CA ARG A 242 9.93 -30.96 -5.51
C ARG A 242 10.28 -29.70 -6.29
N ALA A 243 9.43 -28.68 -6.19
CA ALA A 243 9.69 -27.40 -6.86
C ALA A 243 10.95 -26.77 -6.37
N HIS A 244 11.15 -26.79 -5.08
CA HIS A 244 12.34 -26.13 -4.54
C HIS A 244 13.63 -26.78 -5.03
N GLU A 245 13.67 -28.11 -5.05
N GLU A 245 13.66 -28.11 -5.07
CA GLU A 245 14.85 -28.84 -5.51
CA GLU A 245 14.85 -28.82 -5.53
C GLU A 245 15.18 -28.50 -6.96
C GLU A 245 15.18 -28.45 -6.97
N LEU A 246 14.16 -28.43 -7.82
CA LEU A 246 14.35 -28.07 -9.21
C LEU A 246 14.90 -26.67 -9.35
N CYS A 247 14.39 -25.73 -8.52
CA CYS A 247 14.84 -24.36 -8.57
C CYS A 247 16.30 -24.28 -8.08
N ARG A 248 16.60 -24.93 -6.98
CA ARG A 248 18.01 -24.94 -6.47
C ARG A 248 18.97 -25.53 -7.50
N SER A 249 18.52 -26.58 -8.17
CA SER A 249 19.35 -27.23 -9.20
C SER A 249 19.81 -26.25 -10.31
N LYS A 250 18.98 -25.25 -10.61
CA LYS A 250 19.23 -24.28 -11.66
C LYS A 250 19.61 -22.88 -11.11
N ASN A 251 19.81 -22.77 -9.82
CA ASN A 251 20.13 -21.48 -9.16
C ASN A 251 19.04 -20.46 -9.48
N VAL A 252 17.81 -20.90 -9.29
CA VAL A 252 16.65 -20.04 -9.50
C VAL A 252 15.99 -19.83 -8.13
N LEU A 253 15.62 -18.61 -7.83
CA LEU A 253 15.02 -18.32 -6.56
C LEU A 253 13.60 -18.81 -6.47
N LEU A 254 13.27 -19.42 -5.34
CA LEU A 254 11.87 -19.83 -5.09
C LEU A 254 11.21 -18.72 -4.20
N ILE A 255 10.32 -17.95 -4.82
CA ILE A 255 9.57 -16.90 -4.14
C ILE A 255 8.25 -17.54 -3.75
N VAL A 256 8.03 -17.65 -2.45
CA VAL A 256 6.81 -18.22 -1.94
C VAL A 256 5.89 -17.13 -1.34
N ASP A 257 4.70 -17.02 -1.93
CA ASP A 257 3.70 -16.07 -1.54
C ASP A 257 2.81 -16.66 -0.45
N GLU A 258 3.07 -16.25 0.79
CA GLU A 258 2.32 -16.69 1.97
C GLU A 258 1.43 -15.54 2.50
N ILE A 259 1.10 -14.58 1.63
CA ILE A 259 0.26 -13.46 2.04
C ILE A 259 -1.13 -13.97 2.48
N GLN A 260 -1.66 -14.97 1.79
CA GLN A 260 -2.95 -15.54 2.17
C GLN A 260 -2.84 -16.84 2.97
N THR A 261 -1.81 -17.63 2.71
CA THR A 261 -1.65 -18.94 3.33
C THR A 261 -0.80 -18.95 4.61
N GLY A 262 -0.03 -17.93 4.84
CA GLY A 262 0.86 -17.90 6.00
C GLY A 262 0.20 -17.57 7.31
N LEU A 263 1.04 -17.45 8.34
CA LEU A 263 0.58 -17.01 9.62
C LEU A 263 -0.56 -17.82 10.24
N CYS A 264 -0.31 -19.14 10.27
CA CYS A 264 -1.16 -20.11 10.94
C CYS A 264 -2.47 -20.51 10.25
N ARG A 265 -2.85 -19.81 9.21
CA ARG A 265 -4.11 -20.13 8.50
C ARG A 265 -4.28 -21.59 8.13
N THR A 266 -3.23 -22.25 7.65
CA THR A 266 -3.30 -23.66 7.22
C THR A 266 -2.89 -24.66 8.31
N GLY A 267 -2.76 -24.21 9.55
CA GLY A 267 -2.36 -25.13 10.64
C GLY A 267 -0.87 -25.17 10.99
N ARG A 268 -0.09 -24.39 10.25
CA ARG A 268 1.34 -24.25 10.44
C ARG A 268 1.66 -22.77 10.30
N LEU A 269 2.75 -22.35 10.91
CA LEU A 269 3.17 -20.96 10.84
C LEU A 269 3.20 -20.47 9.40
N LEU A 270 3.84 -21.24 8.51
CA LEU A 270 3.85 -20.99 7.08
C LEU A 270 3.28 -22.20 6.39
N ALA A 271 2.50 -21.99 5.35
CA ALA A 271 1.99 -23.13 4.60
C ALA A 271 3.17 -23.92 4.00
N ALA A 272 4.27 -23.26 3.69
CA ALA A 272 5.47 -23.92 3.19
C ALA A 272 6.05 -24.99 4.16
N ASP A 273 5.73 -24.85 5.45
CA ASP A 273 6.18 -25.77 6.48
C ASP A 273 5.62 -27.17 6.26
N HIS A 274 4.46 -27.26 5.58
CA HIS A 274 3.88 -28.57 5.29
C HIS A 274 4.91 -29.44 4.51
N ASP A 275 5.75 -28.78 3.70
CA ASP A 275 6.75 -29.46 2.87
C ASP A 275 8.17 -29.25 3.37
N GLU A 276 8.29 -28.67 4.55
CA GLU A 276 9.58 -28.33 5.09
C GLU A 276 10.42 -27.45 4.15
N VAL A 277 9.75 -26.56 3.45
CA VAL A 277 10.43 -25.67 2.52
C VAL A 277 10.62 -24.33 3.18
N HIS A 278 11.84 -23.80 3.10
CA HIS A 278 12.16 -22.46 3.58
C HIS A 278 12.33 -21.66 2.29
N PRO A 279 11.32 -20.80 1.95
CA PRO A 279 11.45 -20.03 0.74
C PRO A 279 12.70 -19.21 0.60
N ASP A 280 13.24 -19.09 -0.60
CA ASP A 280 14.39 -18.21 -0.84
C ASP A 280 13.96 -16.75 -0.52
N ILE A 281 12.79 -16.39 -1.03
CA ILE A 281 12.15 -15.12 -0.70
C ILE A 281 10.75 -15.45 -0.20
N LEU A 282 10.41 -14.94 0.97
CA LEU A 282 9.11 -15.14 1.65
C LEU A 282 8.31 -13.84 1.62
N LEU A 283 7.05 -13.93 1.19
CA LEU A 283 6.17 -12.78 1.25
C LEU A 283 5.08 -13.03 2.29
N LEU A 284 4.86 -12.03 3.16
CA LEU A 284 3.81 -12.06 4.20
C LEU A 284 3.03 -10.75 4.05
N GLY A 285 1.81 -10.76 4.53
CA GLY A 285 0.98 -9.55 4.53
C GLY A 285 -0.32 -9.90 5.26
N LYS A 286 -1.42 -9.32 4.77
CA LYS A 286 -2.74 -9.59 5.34
C LYS A 286 -2.77 -9.66 6.90
N SER A 287 -2.85 -10.86 7.51
CA SER A 287 -2.90 -11.02 8.97
C SER A 287 -1.63 -10.59 9.69
N LEU A 288 -0.60 -10.20 8.92
CA LEU A 288 0.59 -9.65 9.54
C LEU A 288 0.19 -8.45 10.40
N SER A 289 -0.88 -7.75 10.05
CA SER A 289 -1.40 -6.63 10.84
C SER A 289 -2.68 -6.90 11.63
N ALA A 290 -3.15 -8.13 11.56
CA ALA A 290 -4.45 -8.53 12.22
C ALA A 290 -5.60 -7.68 11.61
N GLY A 291 -5.36 -7.22 10.39
CA GLY A 291 -6.35 -6.47 9.63
C GLY A 291 -6.55 -5.05 10.06
N VAL A 292 -5.62 -4.51 10.82
CA VAL A 292 -5.74 -3.16 11.35
C VAL A 292 -5.19 -2.04 10.44
N VAL A 293 -4.07 -2.30 9.77
CA VAL A 293 -3.40 -1.31 8.89
C VAL A 293 -2.65 -2.16 7.88
N PRO A 294 -2.49 -1.66 6.67
CA PRO A 294 -1.77 -2.45 5.69
C PRO A 294 -0.27 -2.52 5.93
N ILE A 295 0.22 -3.71 6.19
CA ILE A 295 1.67 -3.94 6.30
C ILE A 295 1.99 -5.29 5.67
N SER A 296 3.03 -5.30 4.87
CA SER A 296 3.49 -6.50 4.21
C SER A 296 4.99 -6.62 4.35
N ALA A 297 5.51 -7.81 4.05
CA ALA A 297 6.95 -8.04 4.26
C ALA A 297 7.53 -8.96 3.20
N VAL A 298 8.77 -8.65 2.85
CA VAL A 298 9.54 -9.50 1.92
C VAL A 298 10.74 -9.87 2.74
N MET A 299 11.05 -11.16 2.87
CA MET A 299 12.25 -11.55 3.69
C MET A 299 13.10 -12.51 2.86
N GLY A 300 14.40 -12.46 3.09
CA GLY A 300 15.32 -13.28 2.30
C GLY A 300 16.69 -13.22 2.93
N ARG A 301 17.59 -14.00 2.35
CA ARG A 301 18.97 -14.04 2.82
C ARG A 301 19.69 -12.77 2.34
N ALA A 302 20.75 -12.43 3.03
CA ALA A 302 21.49 -11.24 2.80
C ALA A 302 21.98 -11.01 1.36
N ASP A 303 22.56 -12.02 0.75
CA ASP A 303 23.12 -11.81 -0.59
C ASP A 303 22.06 -11.66 -1.67
N VAL A 304 20.80 -11.89 -1.32
CA VAL A 304 19.68 -11.65 -2.26
C VAL A 304 19.08 -10.29 -1.94
N MET A 305 18.67 -10.07 -0.70
CA MET A 305 18.01 -8.81 -0.40
C MET A 305 18.93 -7.59 -0.50
N ASP A 306 20.22 -7.76 -0.29
CA ASP A 306 21.14 -6.63 -0.33
C ASP A 306 21.30 -6.06 -1.75
N VAL A 307 20.65 -6.62 -2.76
CA VAL A 307 20.77 -6.01 -4.08
C VAL A 307 20.00 -4.69 -4.07
N LEU A 308 19.08 -4.50 -3.13
CA LEU A 308 18.35 -3.23 -3.02
C LEU A 308 19.18 -2.22 -2.26
N LYS A 309 20.02 -1.51 -3.00
CA LYS A 309 20.90 -0.53 -2.45
C LYS A 309 20.14 0.76 -2.27
N PRO A 310 20.66 1.67 -1.46
CA PRO A 310 20.00 2.95 -1.21
C PRO A 310 19.62 3.69 -2.50
N GLY A 311 18.35 4.11 -2.52
CA GLY A 311 17.79 4.82 -3.64
C GLY A 311 17.22 3.93 -4.73
N THR A 312 17.43 2.64 -4.64
CA THR A 312 16.92 1.77 -5.67
C THR A 312 15.55 1.24 -5.33
N HIS A 313 15.03 1.53 -4.15
CA HIS A 313 13.69 1.06 -3.79
C HIS A 313 13.27 1.82 -2.57
N GLY A 314 12.00 2.06 -2.43
CA GLY A 314 11.50 2.80 -1.26
C GLY A 314 9.99 2.72 -1.13
N SER A 315 9.50 3.42 -0.11
CA SER A 315 8.10 3.47 0.16
C SER A 315 7.88 4.50 1.24
N THR A 316 6.92 5.36 1.07
CA THR A 316 6.69 6.37 2.09
C THR A 316 6.31 5.73 3.43
N PHE A 317 5.29 4.90 3.43
CA PHE A 317 4.79 4.30 4.68
C PHE A 317 5.40 2.96 5.06
N GLY A 318 6.21 2.37 4.20
CA GLY A 318 6.74 1.02 4.48
C GLY A 318 7.63 1.10 5.71
N GLY A 319 7.33 0.27 6.71
CA GLY A 319 8.17 0.23 7.97
C GLY A 319 7.81 1.32 8.93
N ASN A 320 6.66 1.95 8.74
CA ASN A 320 6.31 3.01 9.65
C ASN A 320 6.15 2.47 11.10
N PRO A 321 6.48 3.30 12.11
CA PRO A 321 6.40 2.78 13.46
C PRO A 321 5.08 2.30 13.93
N LEU A 322 3.97 2.86 13.44
CA LEU A 322 2.67 2.40 13.90
C LEU A 322 2.42 0.99 13.43
N ALA A 323 2.60 0.77 12.10
CA ALA A 323 2.44 -0.56 11.50
C ALA A 323 3.38 -1.60 12.14
N CYS A 324 4.60 -1.22 12.46
CA CYS A 324 5.56 -2.13 13.12
C CYS A 324 5.07 -2.56 14.50
N ALA A 325 4.57 -1.61 15.31
CA ALA A 325 4.02 -1.97 16.64
C ALA A 325 2.84 -2.91 16.47
N VAL A 326 1.95 -2.61 15.54
CA VAL A 326 0.84 -3.47 15.30
C VAL A 326 1.27 -4.87 14.91
N ALA A 327 2.24 -4.98 14.03
CA ALA A 327 2.67 -6.23 13.49
C ALA A 327 3.28 -7.08 14.54
N VAL A 328 4.13 -6.48 15.38
CA VAL A 328 4.71 -7.29 16.42
C VAL A 328 3.61 -7.83 17.37
N GLU A 329 2.60 -7.03 17.70
CA GLU A 329 1.51 -7.53 18.56
C GLU A 329 0.70 -8.64 17.83
N ALA A 330 0.38 -8.40 16.54
CA ALA A 330 -0.38 -9.34 15.74
C ALA A 330 0.31 -10.72 15.62
N LEU A 331 1.63 -10.71 15.43
CA LEU A 331 2.39 -11.95 15.34
C LEU A 331 2.47 -12.64 16.69
N THR A 332 2.61 -11.87 17.77
CA THR A 332 2.66 -12.43 19.10
C THR A 332 1.34 -13.11 19.46
N VAL A 333 0.20 -12.52 19.06
CA VAL A 333 -1.11 -13.12 19.29
C VAL A 333 -1.18 -14.53 18.67
N LEU A 334 -0.69 -14.65 17.44
CA LEU A 334 -0.67 -15.94 16.73
C LEU A 334 0.02 -17.02 17.53
N LYS A 335 1.16 -16.68 18.10
CA LYS A 335 1.93 -17.62 18.96
C LYS A 335 1.27 -17.88 20.32
N ASP A 336 0.98 -16.81 21.04
CA ASP A 336 0.33 -16.91 22.37
C ASP A 336 -0.97 -17.67 22.39
N GLU A 337 -1.83 -17.43 21.42
CA GLU A 337 -3.13 -18.09 21.36
C GLU A 337 -3.10 -19.44 20.63
N LYS A 338 -1.89 -19.88 20.27
CA LYS A 338 -1.67 -21.17 19.58
C LYS A 338 -2.69 -21.35 18.45
N LEU A 339 -2.75 -20.34 17.58
CA LEU A 339 -3.72 -20.34 16.48
C LEU A 339 -3.43 -21.33 15.38
N ALA A 340 -2.16 -21.69 15.16
CA ALA A 340 -1.86 -22.74 14.18
C ALA A 340 -2.53 -24.05 14.61
N ASP A 341 -2.40 -24.41 15.88
CA ASP A 341 -3.02 -25.66 16.41
C ASP A 341 -4.52 -25.62 16.32
N ARG A 342 -5.07 -24.49 16.71
CA ARG A 342 -6.47 -24.25 16.59
C ARG A 342 -6.97 -24.39 15.17
N ALA A 343 -6.24 -23.81 14.21
CA ALA A 343 -6.61 -23.93 12.83
C ALA A 343 -6.58 -25.38 12.33
N GLU A 344 -5.55 -26.09 12.70
CA GLU A 344 -5.38 -27.49 12.33
C GLU A 344 -6.57 -28.31 12.84
N ARG A 345 -6.82 -28.18 14.14
CA ARG A 345 -7.89 -28.97 14.82
C ARG A 345 -9.31 -28.66 14.31
N LEU A 346 -9.69 -27.39 14.34
CA LEU A 346 -11.01 -27.00 13.85
C LEU A 346 -11.21 -27.24 12.37
N GLY A 347 -10.18 -26.99 11.59
CA GLY A 347 -10.27 -27.19 10.15
C GLY A 347 -10.45 -28.65 9.79
N ALA A 348 -9.80 -29.54 10.51
CA ALA A 348 -9.96 -30.97 10.26
C ALA A 348 -11.41 -31.36 10.60
N GLN A 349 -11.93 -30.78 11.67
CA GLN A 349 -13.31 -31.06 12.08
C GLN A 349 -14.31 -30.50 11.05
N PHE A 350 -13.99 -29.35 10.47
CA PHE A 350 -14.84 -28.71 9.47
C PHE A 350 -14.96 -29.55 8.20
N ARG A 351 -13.83 -29.95 7.63
N ARG A 351 -13.82 -29.96 7.65
CA ARG A 351 -13.88 -30.75 6.41
CA ARG A 351 -13.85 -30.78 6.44
C ARG A 351 -14.53 -32.11 6.69
C ARG A 351 -14.56 -32.10 6.72
N ASP A 352 -14.23 -32.71 7.85
CA ASP A 352 -14.83 -34.02 8.26
C ASP A 352 -16.34 -33.89 8.37
N CYS A 353 -16.84 -32.88 9.08
CA CYS A 353 -18.30 -32.70 9.21
C CYS A 353 -18.98 -32.44 7.86
N LEU A 354 -18.44 -31.53 7.04
CA LEU A 354 -19.05 -31.26 5.71
C LEU A 354 -19.03 -32.44 4.77
N ARG A 355 -17.96 -33.21 4.80
CA ARG A 355 -17.90 -34.42 3.95
C ARG A 355 -18.90 -35.47 4.43
N ARG A 356 -18.88 -35.76 5.73
CA ARG A 356 -19.82 -36.75 6.28
C ARG A 356 -21.28 -36.34 6.07
N GLU A 357 -21.60 -35.06 6.23
CA GLU A 357 -22.99 -34.60 6.07
C GLU A 357 -23.39 -34.14 4.69
N LEU A 358 -22.42 -33.82 3.82
CA LEU A 358 -22.76 -33.28 2.48
C LEU A 358 -22.40 -34.17 1.31
N TYR A 359 -21.26 -34.86 1.33
CA TYR A 359 -20.98 -35.69 0.17
C TYR A 359 -22.08 -36.77 0.09
N GLY A 360 -22.58 -36.99 -1.11
CA GLY A 360 -23.63 -37.96 -1.31
C GLY A 360 -24.96 -37.26 -1.20
N LYS A 361 -25.24 -36.67 -0.03
CA LYS A 361 -26.51 -35.98 0.20
C LYS A 361 -26.68 -34.75 -0.70
N VAL A 362 -25.59 -34.06 -1.03
CA VAL A 362 -25.69 -32.88 -1.90
C VAL A 362 -24.90 -33.22 -3.17
N PRO A 363 -25.60 -33.53 -4.27
CA PRO A 363 -24.91 -33.94 -5.50
C PRO A 363 -24.14 -32.88 -6.32
N TRP A 364 -24.48 -31.61 -6.16
CA TRP A 364 -23.83 -30.54 -6.94
C TRP A 364 -22.54 -29.97 -6.29
N ILE A 365 -22.09 -30.62 -5.22
CA ILE A 365 -20.84 -30.27 -4.59
C ILE A 365 -19.77 -31.08 -5.29
N LYS A 366 -18.84 -30.39 -5.95
N LYS A 366 -18.83 -30.41 -5.96
CA LYS A 366 -17.73 -30.99 -6.70
CA LYS A 366 -17.75 -31.09 -6.66
C LYS A 366 -16.59 -31.48 -5.81
C LYS A 366 -16.66 -31.56 -5.71
N GLU A 367 -16.25 -30.67 -4.81
CA GLU A 367 -15.19 -31.02 -3.88
C GLU A 367 -15.21 -30.11 -2.69
N ILE A 368 -14.84 -30.68 -1.54
CA ILE A 368 -14.67 -29.99 -0.29
C ILE A 368 -13.16 -30.12 -0.06
N ARG A 369 -12.43 -29.00 -0.12
CA ARG A 369 -10.96 -29.03 0.05
C ARG A 369 -10.41 -27.89 0.91
N GLY A 370 -9.15 -28.07 1.32
CA GLY A 370 -8.45 -27.10 2.11
C GLY A 370 -7.45 -27.68 3.10
N ARG A 371 -6.80 -26.78 3.82
CA ARG A 371 -5.87 -27.15 4.88
C ARG A 371 -6.13 -26.16 5.98
N GLY A 372 -6.08 -26.65 7.22
CA GLY A 372 -6.35 -25.81 8.38
C GLY A 372 -7.69 -25.12 8.20
N LEU A 373 -7.73 -23.80 8.42
CA LEU A 373 -8.97 -23.05 8.25
C LEU A 373 -9.02 -22.25 6.91
N LEU A 374 -8.37 -22.80 5.89
CA LEU A 374 -8.43 -22.27 4.55
C LEU A 374 -9.17 -23.34 3.77
N ASN A 375 -10.51 -23.24 3.78
CA ASN A 375 -11.36 -24.25 3.17
C ASN A 375 -12.28 -23.73 2.10
N ALA A 376 -12.64 -24.62 1.18
CA ALA A 376 -13.55 -24.29 0.10
C ALA A 376 -14.50 -25.43 -0.25
N VAL A 377 -15.63 -25.05 -0.83
CA VAL A 377 -16.56 -26.02 -1.33
C VAL A 377 -16.86 -25.55 -2.74
N GLU A 378 -16.34 -26.30 -3.73
CA GLU A 378 -16.57 -25.93 -5.12
C GLU A 378 -17.83 -26.60 -5.61
N VAL A 379 -18.70 -25.79 -6.23
CA VAL A 379 -19.98 -26.32 -6.72
C VAL A 379 -20.01 -26.35 -8.26
N ASP A 380 -20.84 -27.24 -8.81
CA ASP A 380 -21.00 -27.33 -10.25
C ASP A 380 -21.99 -26.23 -10.59
N SER A 381 -21.51 -25.17 -11.22
CA SER A 381 -22.36 -24.03 -11.53
C SER A 381 -23.41 -24.34 -12.58
N ASP A 382 -23.35 -25.52 -13.17
CA ASP A 382 -24.43 -25.89 -14.07
C ASP A 382 -25.59 -26.42 -13.25
N ALA A 383 -25.37 -27.49 -12.49
CA ALA A 383 -26.39 -28.06 -11.56
C ALA A 383 -27.01 -27.11 -10.50
N ILE A 384 -26.33 -26.00 -10.19
CA ILE A 384 -26.86 -25.03 -9.21
C ILE A 384 -26.37 -23.60 -9.48
N ASP A 385 -27.11 -22.61 -8.99
CA ASP A 385 -26.70 -21.22 -9.12
C ASP A 385 -25.88 -20.92 -7.87
N PRO A 386 -24.55 -20.68 -8.04
CA PRO A 386 -23.67 -20.39 -6.89
C PRO A 386 -24.22 -19.36 -5.91
N ASN A 387 -24.83 -18.29 -6.44
CA ASN A 387 -25.35 -17.21 -5.60
C ASN A 387 -26.47 -17.65 -4.65
N ASP A 388 -27.20 -18.70 -4.98
CA ASP A 388 -28.24 -19.20 -4.08
C ASP A 388 -27.62 -19.74 -2.80
N VAL A 389 -26.40 -20.30 -2.89
CA VAL A 389 -25.73 -20.81 -1.71
C VAL A 389 -25.26 -19.63 -0.85
N VAL A 390 -24.69 -18.62 -1.52
CA VAL A 390 -24.20 -17.42 -0.83
C VAL A 390 -25.32 -16.74 -0.06
N MET A 391 -26.49 -16.58 -0.69
CA MET A 391 -27.63 -15.97 -0.02
C MET A 391 -28.18 -16.85 1.10
N LYS A 392 -28.28 -18.16 0.88
CA LYS A 392 -28.77 -19.04 1.93
C LYS A 392 -27.82 -18.96 3.13
N LEU A 393 -26.52 -18.92 2.86
CA LEU A 393 -25.53 -18.78 3.93
C LEU A 393 -25.79 -17.51 4.72
N LYS A 394 -26.04 -16.41 4.02
CA LYS A 394 -26.30 -15.14 4.70
C LYS A 394 -27.58 -15.22 5.52
N GLU A 395 -28.62 -15.86 5.00
CA GLU A 395 -29.87 -16.05 5.77
C GLU A 395 -29.61 -16.77 7.07
N ASN A 396 -28.70 -17.73 7.02
CA ASN A 396 -28.29 -18.52 8.18
C ASN A 396 -27.17 -17.93 9.04
N GLY A 397 -26.86 -16.65 8.79
CA GLY A 397 -25.88 -15.91 9.58
C GLY A 397 -24.42 -16.07 9.23
N ILE A 398 -24.15 -16.58 8.02
CA ILE A 398 -22.77 -16.79 7.53
C ILE A 398 -22.46 -15.85 6.36
N LEU A 399 -21.44 -15.01 6.53
CA LEU A 399 -21.02 -14.10 5.48
C LEU A 399 -19.81 -14.68 4.77
N SER A 400 -19.93 -14.83 3.48
CA SER A 400 -18.87 -15.40 2.68
C SER A 400 -18.89 -14.77 1.30
N LYS A 401 -17.81 -14.94 0.57
CA LYS A 401 -17.72 -14.42 -0.78
C LYS A 401 -17.00 -15.49 -1.58
N PRO A 402 -17.63 -16.00 -2.63
CA PRO A 402 -16.93 -16.99 -3.42
C PRO A 402 -15.85 -16.37 -4.32
N THR A 403 -14.98 -17.23 -4.85
CA THR A 403 -14.03 -16.83 -5.86
C THR A 403 -14.38 -17.61 -7.13
N ARG A 404 -14.08 -17.01 -8.29
CA ARG A 404 -14.40 -17.61 -9.60
C ARG A 404 -15.87 -18.06 -9.68
N GLY A 405 -16.74 -17.34 -8.97
CA GLY A 405 -18.18 -17.61 -8.92
C GLY A 405 -18.61 -18.86 -8.20
N ARG A 406 -18.05 -20.00 -8.62
CA ARG A 406 -18.46 -21.30 -8.07
C ARG A 406 -17.68 -21.84 -6.87
N VAL A 407 -16.60 -21.19 -6.45
CA VAL A 407 -15.86 -21.72 -5.32
C VAL A 407 -16.24 -21.00 -4.04
N MET A 408 -17.07 -21.65 -3.21
CA MET A 408 -17.47 -21.10 -1.91
C MET A 408 -16.28 -21.12 -0.98
N ARG A 409 -16.08 -20.05 -0.22
CA ARG A 409 -14.90 -19.98 0.66
C ARG A 409 -15.29 -19.90 2.12
N PHE A 410 -14.57 -20.63 2.96
CA PHE A 410 -14.81 -20.65 4.38
C PHE A 410 -13.51 -20.35 5.03
N ILE A 411 -13.39 -19.07 5.36
CA ILE A 411 -12.14 -18.53 5.89
C ILE A 411 -12.48 -17.68 7.12
N PRO A 412 -12.74 -18.34 8.25
CA PRO A 412 -13.06 -17.56 9.43
C PRO A 412 -11.82 -17.11 10.22
N PRO A 413 -11.97 -16.12 11.14
CA PRO A 413 -10.84 -15.84 11.98
C PRO A 413 -10.47 -17.09 12.77
N LEU A 414 -9.18 -17.29 12.98
CA LEU A 414 -8.69 -18.45 13.70
C LEU A 414 -9.09 -18.50 15.17
N VAL A 415 -9.40 -17.33 15.71
CA VAL A 415 -9.83 -17.15 17.08
C VAL A 415 -11.27 -17.62 17.33
N ILE A 416 -11.99 -18.02 16.29
CA ILE A 416 -13.35 -18.53 16.46
C ILE A 416 -13.33 -19.59 17.58
N THR A 417 -14.20 -19.46 18.56
CA THR A 417 -14.23 -20.42 19.69
C THR A 417 -14.77 -21.80 19.27
N ASP A 418 -14.55 -22.79 20.13
CA ASP A 418 -15.03 -24.14 19.84
C ASP A 418 -16.54 -24.09 19.63
N GLU A 419 -17.25 -23.39 20.55
CA GLU A 419 -18.73 -23.23 20.49
C GLU A 419 -19.19 -22.51 19.23
N GLU A 420 -18.56 -21.38 18.93
CA GLU A 420 -18.88 -20.63 17.72
C GLU A 420 -18.64 -21.46 16.44
N HIS A 421 -17.54 -22.21 16.40
CA HIS A 421 -17.21 -23.02 15.23
C HIS A 421 -18.16 -24.20 15.00
N ARG A 422 -18.59 -24.84 16.09
CA ARG A 422 -19.58 -25.97 16.05
C ARG A 422 -20.88 -25.38 15.48
N ASP A 423 -21.28 -24.23 16.02
CA ASP A 423 -22.49 -23.49 15.60
C ASP A 423 -22.40 -23.13 14.11
N ALA A 424 -21.32 -22.46 13.72
CA ALA A 424 -21.11 -22.08 12.32
C ALA A 424 -21.11 -23.27 11.36
N THR A 425 -20.45 -24.36 11.74
CA THR A 425 -20.39 -25.54 10.88
C THR A 425 -21.80 -26.07 10.62
N THR A 426 -22.60 -26.12 11.69
CA THR A 426 -24.00 -26.57 11.60
C THR A 426 -24.79 -25.65 10.64
N ARG A 427 -24.59 -24.34 10.77
CA ARG A 427 -25.28 -23.37 9.92
C ARG A 427 -24.89 -23.47 8.42
N ILE A 428 -23.60 -23.82 8.19
CA ILE A 428 -23.11 -23.96 6.81
C ILE A 428 -23.67 -25.23 6.20
N ILE A 429 -23.59 -26.33 6.93
CA ILE A 429 -24.15 -27.60 6.50
C ILE A 429 -25.66 -27.40 6.26
N LYS A 430 -26.34 -26.73 7.19
CA LYS A 430 -27.80 -26.46 7.10
C LYS A 430 -28.08 -25.69 5.82
N SER A 431 -27.18 -24.75 5.46
CA SER A 431 -27.36 -23.92 4.27
C SER A 431 -27.19 -24.71 3.00
N PHE A 432 -26.20 -25.63 2.97
CA PHE A 432 -26.01 -26.49 1.79
C PHE A 432 -27.19 -27.46 1.58
N LEU A 433 -27.66 -28.08 2.68
CA LEU A 433 -28.78 -29.03 2.61
C LEU A 433 -30.08 -28.32 2.25
N ALA A 434 -30.26 -27.09 2.72
CA ALA A 434 -31.46 -26.30 2.43
C ALA A 434 -31.53 -25.91 0.95
N VAL A 435 -30.39 -25.64 0.33
CA VAL A 435 -30.32 -25.30 -1.10
C VAL A 435 -30.62 -26.59 -1.89
N GLU A 436 -30.21 -27.74 -1.33
CA GLU A 436 -30.47 -29.05 -1.91
C GLU A 436 -31.93 -29.44 -1.78
N GLU A 437 -32.53 -29.21 -0.61
CA GLU A 437 -33.97 -29.53 -0.42
C GLU A 437 -34.75 -28.66 -1.41
N GLU A 438 -34.39 -27.37 -1.45
CA GLU A 438 -35.00 -26.40 -2.36
C GLU A 438 -34.60 -26.67 -3.81
N ARG A 439 -33.81 -27.72 -4.03
CA ARG A 439 -33.51 -28.17 -5.38
C ARG A 439 -34.36 -29.44 -5.53
N THR B 20 3.45 -2.88 25.75
CA THR B 20 2.96 -3.73 24.62
C THR B 20 4.10 -4.59 24.08
N ASN B 21 3.79 -5.51 23.18
CA ASN B 21 4.80 -6.47 22.72
C ASN B 21 6.03 -5.83 22.11
N ILE B 22 5.83 -4.77 21.34
CA ILE B 22 6.98 -4.09 20.72
C ILE B 22 7.87 -3.44 21.81
N GLU B 23 7.24 -2.85 22.83
CA GLU B 23 7.96 -2.21 23.92
C GLU B 23 8.71 -3.26 24.74
N ALA B 24 8.04 -4.36 25.05
CA ALA B 24 8.69 -5.41 25.87
C ALA B 24 9.84 -6.06 25.14
N TYR B 25 9.64 -6.31 23.85
CA TYR B 25 10.66 -6.92 23.03
C TYR B 25 11.92 -6.00 22.94
N ARG B 26 11.69 -4.72 22.66
CA ARG B 26 12.77 -3.72 22.55
C ARG B 26 13.56 -3.61 23.83
N ASP B 27 12.85 -3.58 24.96
CA ASP B 27 13.51 -3.50 26.27
C ASP B 27 14.46 -4.66 26.40
N GLY B 28 13.97 -5.85 26.07
CA GLY B 28 14.76 -7.06 26.14
C GLY B 28 16.03 -7.03 25.29
N LEU B 29 16.02 -6.22 24.23
CA LEU B 29 17.20 -6.09 23.36
C LEU B 29 18.32 -5.25 23.95
N LYS B 30 17.97 -4.44 24.96
CA LYS B 30 18.95 -3.61 25.67
C LYS B 30 19.62 -2.60 24.71
N LEU B 31 18.78 -1.93 23.93
CA LEU B 31 19.20 -0.89 22.98
C LEU B 31 19.16 0.45 23.69
N LYS B 32 20.30 0.89 24.18
CA LYS B 32 20.40 2.14 24.89
C LYS B 32 20.75 3.33 23.99
N THR B 33 21.89 3.21 23.32
CA THR B 33 22.43 4.27 22.53
C THR B 33 21.94 4.31 21.13
N GLU B 34 22.12 5.47 20.50
CA GLU B 34 21.75 5.64 19.10
C GLU B 34 22.50 4.60 18.29
N GLU B 35 23.75 4.30 18.65
CA GLU B 35 24.53 3.27 17.91
C GLU B 35 23.90 1.88 18.04
N ASP B 36 23.33 1.57 19.20
CA ASP B 36 22.71 0.27 19.38
C ASP B 36 21.59 0.17 18.32
N PHE B 37 20.80 1.20 18.19
CA PHE B 37 19.73 1.20 17.16
C PHE B 37 20.26 1.15 15.73
N PHE B 38 21.25 1.99 15.39
CA PHE B 38 21.81 1.97 14.04
C PHE B 38 22.28 0.55 13.68
N ALA B 39 22.91 -0.13 14.65
CA ALA B 39 23.43 -1.49 14.39
C ALA B 39 22.27 -2.47 14.16
N CYS B 40 21.19 -2.32 14.91
CA CYS B 40 20.05 -3.20 14.79
C CYS B 40 19.44 -3.05 13.36
N ASP B 41 19.31 -1.79 12.95
CA ASP B 41 18.75 -1.49 11.63
C ASP B 41 19.69 -2.08 10.58
N ARG B 42 21.01 -1.91 10.72
CA ARG B 42 21.92 -2.45 9.70
C ARG B 42 21.88 -3.96 9.57
N GLN B 43 21.64 -4.67 10.65
CA GLN B 43 21.61 -6.10 10.60
C GLN B 43 20.30 -6.73 10.08
N TYR B 44 19.16 -6.16 10.47
CA TYR B 44 17.89 -6.82 10.20
C TYR B 44 16.99 -6.17 9.21
N VAL B 45 17.17 -4.88 8.92
CA VAL B 45 16.30 -4.17 7.99
C VAL B 45 16.92 -4.19 6.59
N CYS B 46 16.11 -4.43 5.54
CA CYS B 46 16.64 -4.35 4.20
C CYS B 46 17.35 -3.01 4.03
N GLN B 47 18.55 -3.04 3.47
CA GLN B 47 19.37 -1.84 3.38
C GLN B 47 19.17 -0.93 2.19
N ASN B 48 17.89 -0.70 1.86
CA ASN B 48 17.56 0.14 0.75
C ASN B 48 17.42 1.64 1.06
N TYR B 49 17.89 2.07 2.25
CA TYR B 49 17.91 3.50 2.59
C TYR B 49 19.26 3.85 3.19
N ALA B 50 19.62 5.12 3.07
CA ALA B 50 20.83 5.72 3.70
C ALA B 50 20.29 6.78 4.65
N PRO B 51 19.72 6.38 5.79
CA PRO B 51 19.09 7.40 6.70
C PRO B 51 20.01 8.37 7.37
N VAL B 52 19.45 9.53 7.73
CA VAL B 52 20.16 10.56 8.52
C VAL B 52 20.39 9.88 9.87
N PRO B 53 21.55 10.13 10.52
CA PRO B 53 21.77 9.41 11.77
C PRO B 53 21.10 10.03 12.99
N VAL B 54 19.82 9.73 13.18
CA VAL B 54 19.04 10.16 14.33
C VAL B 54 18.07 9.03 14.64
N VAL B 55 17.74 8.83 15.92
CA VAL B 55 16.80 7.78 16.33
C VAL B 55 15.61 8.47 17.01
N ILE B 56 14.61 8.75 16.20
CA ILE B 56 13.43 9.41 16.68
C ILE B 56 12.49 8.49 17.49
N SER B 57 12.03 8.97 18.63
CA SER B 57 11.09 8.17 19.45
C SER B 57 9.74 8.80 19.66
N LYS B 58 9.60 10.08 19.38
CA LYS B 58 8.35 10.78 19.56
C LYS B 58 8.22 11.95 18.62
N GLY B 59 7.00 12.14 18.12
CA GLY B 59 6.68 13.27 17.33
C GLY B 59 5.45 13.98 17.89
N LYS B 60 5.44 15.31 17.84
CA LYS B 60 4.26 16.09 18.21
C LYS B 60 4.29 17.40 17.41
N GLY B 61 3.31 17.59 16.53
CA GLY B 61 3.27 18.81 15.74
C GLY B 61 4.44 18.89 14.78
N ALA B 62 5.15 19.99 14.86
CA ALA B 62 6.28 20.17 14.00
C ALA B 62 7.60 19.67 14.62
N ARG B 63 7.53 19.11 15.80
CA ARG B 63 8.70 18.70 16.51
C ARG B 63 8.80 17.19 16.60
N VAL B 64 10.03 16.69 16.68
CA VAL B 64 10.31 15.34 17.07
C VAL B 64 11.44 15.30 18.09
N TRP B 65 11.53 14.21 18.80
CA TRP B 65 12.58 14.03 19.80
C TRP B 65 13.26 12.71 19.60
N ASP B 66 14.57 12.65 19.83
CA ASP B 66 15.29 11.39 19.73
C ASP B 66 15.27 10.65 21.07
N ILE B 67 15.88 9.47 21.09
CA ILE B 67 15.87 8.62 22.25
C ILE B 67 16.56 9.21 23.46
N ASN B 68 17.33 10.28 23.24
CA ASN B 68 18.06 10.98 24.33
C ASN B 68 17.32 12.24 24.79
N GLY B 69 16.18 12.55 24.17
CA GLY B 69 15.43 13.73 24.55
C GLY B 69 15.78 14.98 23.77
N ASN B 70 16.73 14.86 22.86
CA ASN B 70 17.09 16.00 22.03
C ASN B 70 15.89 16.30 21.08
N GLU B 71 15.56 17.57 20.90
CA GLU B 71 14.40 18.02 20.10
C GLU B 71 14.90 18.57 18.77
N TYR B 72 14.08 18.39 17.74
CA TYR B 72 14.41 18.88 16.43
C TYR B 72 13.09 19.32 15.80
N TYR B 73 13.20 20.21 14.82
CA TYR B 73 12.04 20.49 13.90
C TYR B 73 12.16 19.47 12.76
N ASP B 74 11.03 18.84 12.38
CA ASP B 74 11.03 17.88 11.30
C ASP B 74 10.73 18.69 10.03
N PHE B 75 11.74 18.86 9.17
CA PHE B 75 11.63 19.61 7.92
C PHE B 75 11.48 18.72 6.68
N LEU B 76 11.07 17.50 6.91
CA LEU B 76 10.76 16.56 5.83
C LEU B 76 9.26 16.23 5.90
N ALA B 77 8.78 16.05 7.13
CA ALA B 77 7.36 15.75 7.37
C ALA B 77 6.83 14.65 6.51
N GLY B 78 7.60 13.57 6.42
CA GLY B 78 7.10 12.48 5.58
C GLY B 78 7.00 12.80 4.12
N VAL B 79 7.79 13.77 3.63
CA VAL B 79 7.68 14.30 2.28
C VAL B 79 6.26 14.78 2.01
N SER B 80 5.74 15.54 2.97
CA SER B 80 4.43 16.11 2.98
C SER B 80 3.31 15.13 3.29
N SER B 81 3.61 14.10 4.11
CA SER B 81 2.61 13.22 4.62
C SER B 81 2.09 13.69 5.96
N LEU B 82 2.87 14.58 6.65
CA LEU B 82 2.57 15.01 7.98
C LEU B 82 2.23 16.51 8.03
N SER B 83 1.41 16.95 7.12
CA SER B 83 1.05 18.36 7.07
C SER B 83 0.33 18.81 8.30
N GLN B 84 -0.46 17.90 8.89
CA GLN B 84 -1.17 18.19 10.12
C GLN B 84 -0.34 18.03 11.39
N GLY B 85 0.94 17.79 11.21
CA GLY B 85 1.85 17.55 12.31
C GLY B 85 1.82 16.08 12.76
N HIS B 86 2.84 15.70 13.54
CA HIS B 86 2.93 14.41 14.12
C HIS B 86 1.90 14.27 15.24
N CYS B 87 1.25 13.12 15.28
CA CYS B 87 0.28 12.81 16.33
C CYS B 87 -0.73 13.92 16.55
N HIS B 88 -1.44 14.31 15.49
CA HIS B 88 -2.43 15.34 15.65
C HIS B 88 -3.53 14.76 16.55
N PRO B 89 -3.85 15.43 17.66
CA PRO B 89 -4.81 14.87 18.61
C PRO B 89 -6.16 14.41 18.02
N ARG B 90 -6.70 15.21 17.13
CA ARG B 90 -8.00 14.84 16.54
C ARG B 90 -7.89 13.63 15.66
N VAL B 91 -6.82 13.56 14.88
CA VAL B 91 -6.68 12.42 13.98
C VAL B 91 -6.46 11.14 14.82
N ILE B 92 -5.63 11.21 15.85
CA ILE B 92 -5.39 10.06 16.69
C ILE B 92 -6.67 9.65 17.45
N ALA B 93 -7.50 10.59 17.86
CA ALA B 93 -8.74 10.28 18.53
C ALA B 93 -9.70 9.63 17.52
N ALA B 94 -9.67 10.06 16.26
CA ALA B 94 -10.57 9.45 15.23
C ALA B 94 -10.12 8.01 14.96
N LEU B 95 -8.80 7.83 14.85
CA LEU B 95 -8.21 6.50 14.69
C LEU B 95 -8.64 5.60 15.83
N CYS B 96 -8.44 6.05 17.06
CA CYS B 96 -8.73 5.18 18.18
C CYS B 96 -10.21 4.79 18.27
N ARG B 97 -11.06 5.75 18.00
CA ARG B 97 -12.49 5.54 18.09
C ARG B 97 -12.96 4.51 17.11
N GLN B 98 -12.52 4.65 15.88
CA GLN B 98 -12.94 3.70 14.85
C GLN B 98 -12.25 2.34 15.06
N ALA B 99 -11.02 2.35 15.54
CA ALA B 99 -10.29 1.10 15.70
C ALA B 99 -10.90 0.15 16.72
N GLU B 100 -11.61 0.68 17.72
CA GLU B 100 -12.25 -0.15 18.71
C GLU B 100 -13.53 -0.77 18.15
N ARG B 101 -14.01 -0.22 17.05
CA ARG B 101 -15.26 -0.65 16.44
C ARG B 101 -15.18 -1.63 15.29
N LEU B 102 -14.38 -1.26 14.28
CA LEU B 102 -14.25 -2.03 13.06
C LEU B 102 -13.17 -1.44 12.20
N THR B 103 -12.25 -2.30 11.76
CA THR B 103 -11.11 -1.84 10.94
C THR B 103 -11.14 -2.30 9.51
N LEU B 104 -11.68 -3.49 9.25
CA LEU B 104 -11.59 -4.04 7.92
C LEU B 104 -12.77 -4.94 7.63
N THR B 105 -13.47 -4.70 6.53
CA THR B 105 -14.51 -5.60 6.09
C THR B 105 -14.23 -6.27 4.74
N LEU B 106 -13.43 -5.60 3.93
CA LEU B 106 -13.24 -5.81 2.53
C LEU B 106 -14.36 -5.08 1.81
N ARG B 107 -14.11 -4.70 0.59
CA ARG B 107 -15.16 -4.14 -0.23
C ARG B 107 -16.09 -5.21 -0.72
N ALA B 108 -15.84 -6.45 -0.32
CA ALA B 108 -16.75 -7.56 -0.58
C ALA B 108 -18.00 -7.46 0.22
N PHE B 109 -17.95 -6.70 1.26
CA PHE B 109 -19.09 -6.50 2.14
C PHE B 109 -19.26 -5.01 2.30
N GLY B 110 -20.50 -4.57 2.48
CA GLY B 110 -20.72 -3.16 2.76
C GLY B 110 -20.35 -2.81 4.22
N ASN B 111 -20.17 -1.53 4.49
CA ASN B 111 -19.95 -1.08 5.83
C ASN B 111 -20.53 0.33 5.99
N ASP B 112 -20.48 0.86 7.21
CA ASP B 112 -21.10 2.17 7.46
C ASP B 112 -20.15 3.36 7.45
N VAL B 113 -18.99 3.20 6.80
CA VAL B 113 -18.01 4.25 6.73
C VAL B 113 -17.45 4.59 5.37
N THR B 114 -17.27 3.58 4.54
CA THR B 114 -16.61 3.75 3.24
C THR B 114 -17.36 4.67 2.32
N GLY B 115 -18.67 4.42 2.15
CA GLY B 115 -19.48 5.25 1.27
C GLY B 115 -19.51 6.71 1.76
N PRO B 116 -19.87 6.90 3.04
CA PRO B 116 -19.86 8.27 3.52
C PRO B 116 -18.51 8.97 3.32
N ALA B 117 -17.38 8.28 3.59
CA ALA B 117 -16.09 8.92 3.45
C ALA B 117 -15.83 9.29 1.98
N CYS B 118 -16.25 8.42 1.07
CA CYS B 118 -16.11 8.73 -0.35
C CYS B 118 -16.97 9.93 -0.76
N ARG B 119 -18.19 9.98 -0.23
CA ARG B 119 -19.06 11.14 -0.54
C ARG B 119 -18.37 12.39 -0.02
N PHE B 120 -17.83 12.30 1.20
CA PHE B 120 -17.15 13.47 1.77
C PHE B 120 -16.03 14.00 0.85
N MET B 121 -15.18 13.10 0.34
CA MET B 121 -14.11 13.47 -0.57
C MET B 121 -14.63 13.94 -1.92
N ALA B 122 -15.66 13.26 -2.45
CA ALA B 122 -16.24 13.62 -3.72
C ALA B 122 -16.74 15.06 -3.73
N GLU B 123 -17.36 15.46 -2.63
CA GLU B 123 -17.87 16.82 -2.47
C GLU B 123 -16.76 17.79 -2.20
N MET B 124 -15.77 17.40 -1.40
CA MET B 124 -14.66 18.31 -1.09
C MET B 124 -13.84 18.66 -2.32
N PHE B 125 -13.66 17.69 -3.22
CA PHE B 125 -12.82 17.89 -4.41
C PHE B 125 -13.56 18.02 -5.69
N GLY B 126 -14.86 17.75 -5.66
CA GLY B 126 -15.73 17.93 -6.86
C GLY B 126 -15.63 16.88 -7.95
N TYR B 127 -15.70 15.63 -7.56
CA TYR B 127 -15.63 14.51 -8.47
C TYR B 127 -16.76 13.56 -8.26
N ASP B 128 -17.15 12.88 -9.31
CA ASP B 128 -18.24 11.94 -9.27
C ASP B 128 -17.96 10.65 -8.45
N ARG B 129 -16.75 10.11 -8.59
CA ARG B 129 -16.42 8.81 -8.07
C ARG B 129 -15.01 8.85 -7.43
N VAL B 130 -14.86 8.13 -6.33
CA VAL B 130 -13.63 8.08 -5.53
C VAL B 130 -13.20 6.64 -5.38
N LEU B 131 -12.02 6.34 -5.86
CA LEU B 131 -11.40 5.02 -5.69
C LEU B 131 -10.34 5.18 -4.56
N LEU B 132 -10.56 4.48 -3.46
CA LEU B 132 -9.62 4.49 -2.32
C LEU B 132 -8.64 3.31 -2.43
N MET B 133 -7.35 3.65 -2.38
CA MET B 133 -6.28 2.66 -2.39
C MET B 133 -5.40 2.98 -1.13
N ASN B 134 -4.24 2.36 -1.06
CA ASN B 134 -3.39 2.53 0.13
C ASN B 134 -2.22 3.42 -0.07
N THR B 135 -1.44 3.17 -1.10
CA THR B 135 -0.24 3.94 -1.32
C THR B 135 -0.36 4.86 -2.52
N GLY B 136 0.56 5.81 -2.54
CA GLY B 136 0.59 6.72 -3.67
C GLY B 136 0.87 5.99 -4.98
N ALA B 137 1.76 5.01 -4.93
CA ALA B 137 2.09 4.20 -6.10
C ALA B 137 0.86 3.49 -6.59
N GLU B 138 0.06 3.00 -5.66
CA GLU B 138 -1.17 2.34 -6.09
C GLU B 138 -2.12 3.28 -6.72
N ALA B 139 -2.22 4.51 -6.26
CA ALA B 139 -3.12 5.50 -6.89
C ALA B 139 -2.66 5.74 -8.33
N GLY B 140 -1.37 5.88 -8.52
CA GLY B 140 -0.80 6.11 -9.85
C GLY B 140 -1.06 4.94 -10.78
N GLU B 141 -0.82 3.72 -10.30
CA GLU B 141 -1.07 2.52 -11.10
C GLU B 141 -2.53 2.45 -11.47
N SER B 142 -3.37 2.73 -10.50
CA SER B 142 -4.79 2.60 -10.76
C SER B 142 -5.24 3.59 -11.81
N ALA B 143 -4.71 4.80 -11.76
CA ALA B 143 -5.06 5.87 -12.76
C ALA B 143 -4.59 5.48 -14.14
N LEU B 144 -3.41 4.88 -14.21
CA LEU B 144 -2.89 4.36 -15.51
C LEU B 144 -3.78 3.28 -16.06
N LYS B 145 -4.21 2.35 -15.20
CA LYS B 145 -5.17 1.31 -15.65
C LYS B 145 -6.46 1.94 -16.13
N ILE B 146 -6.97 2.91 -15.37
CA ILE B 146 -8.25 3.57 -15.79
C ILE B 146 -8.09 4.24 -17.13
N ALA B 147 -7.01 4.96 -17.28
CA ALA B 147 -6.75 5.73 -18.51
C ALA B 147 -6.62 4.79 -19.72
N ARG B 148 -5.94 3.68 -19.52
CA ARG B 148 -5.81 2.70 -20.65
C ARG B 148 -7.13 2.06 -21.02
N LYS B 149 -7.86 1.58 -20.00
CA LYS B 149 -9.14 0.89 -20.24
C LYS B 149 -10.11 1.86 -20.84
N TRP B 150 -10.12 3.09 -20.36
CA TRP B 150 -11.02 4.16 -20.97
C TRP B 150 -10.61 4.41 -22.41
N ALA B 151 -9.32 4.50 -22.68
CA ALA B 151 -8.87 4.71 -24.06
C ALA B 151 -9.31 3.57 -25.00
N TYR B 152 -9.23 2.34 -24.53
CA TYR B 152 -9.68 1.22 -25.40
C TYR B 152 -11.17 1.13 -25.52
N GLU B 153 -11.91 1.47 -24.47
CA GLU B 153 -13.39 1.23 -24.48
C GLU B 153 -14.23 2.41 -24.89
N VAL B 154 -13.73 3.61 -24.64
CA VAL B 154 -14.45 4.89 -24.93
C VAL B 154 -13.82 5.58 -26.16
N LYS B 155 -12.50 5.82 -26.19
CA LYS B 155 -11.86 6.40 -27.43
C LYS B 155 -11.73 5.37 -28.50
N GLU B 156 -11.87 4.09 -28.12
CA GLU B 156 -11.80 3.01 -29.08
C GLU B 156 -10.49 2.93 -29.88
N ILE B 157 -9.36 3.22 -29.23
CA ILE B 157 -8.10 3.12 -29.91
C ILE B 157 -7.73 1.62 -30.03
N PRO B 158 -6.81 1.27 -30.95
CA PRO B 158 -6.47 -0.13 -31.15
C PRO B 158 -5.94 -0.86 -29.91
N PRO B 159 -6.36 -2.13 -29.75
CA PRO B 159 -5.93 -2.93 -28.60
C PRO B 159 -4.42 -2.83 -28.37
N ASP B 160 -4.01 -2.68 -27.11
CA ASP B 160 -2.60 -2.56 -26.72
C ASP B 160 -1.82 -1.36 -27.20
N SER B 161 -2.48 -0.42 -27.89
CA SER B 161 -1.74 0.74 -28.41
C SER B 161 -1.73 1.97 -27.52
N ALA B 162 -2.40 1.91 -26.34
CA ALA B 162 -2.50 3.09 -25.51
C ALA B 162 -1.15 3.61 -25.09
N LYS B 163 -0.99 4.92 -25.20
CA LYS B 163 0.23 5.55 -24.72
C LYS B 163 -0.09 6.55 -23.60
N VAL B 164 0.85 6.71 -22.65
CA VAL B 164 0.72 7.68 -21.59
C VAL B 164 1.99 8.55 -21.63
N ILE B 165 1.80 9.86 -21.63
CA ILE B 165 2.88 10.81 -21.67
C ILE B 165 3.20 11.19 -20.23
N LEU B 166 4.48 11.12 -19.88
CA LEU B 166 4.94 11.55 -18.55
C LEU B 166 6.14 12.44 -18.76
N CYS B 167 6.67 13.00 -17.65
CA CYS B 167 7.78 13.95 -17.73
C CYS B 167 9.09 13.44 -17.16
N ASN B 168 10.19 13.85 -17.79
CA ASN B 168 11.52 13.48 -17.27
C ASN B 168 11.61 13.91 -15.84
N ASN B 169 12.26 13.07 -15.03
CA ASN B 169 12.45 13.26 -13.60
C ASN B 169 11.19 13.09 -12.77
N ASN B 170 10.09 12.59 -13.37
CA ASN B 170 8.90 12.34 -12.57
C ASN B 170 9.13 11.27 -11.54
N TYR B 171 8.33 11.31 -10.47
CA TYR B 171 8.36 10.26 -9.47
C TYR B 171 6.95 10.02 -9.04
N TRP B 172 6.52 8.76 -9.13
CA TRP B 172 5.21 8.37 -8.69
C TRP B 172 5.18 7.04 -7.94
N GLY B 173 6.32 6.41 -7.73
CA GLY B 173 6.29 5.13 -7.02
C GLY B 173 7.40 4.21 -7.46
N ARG B 174 7.37 3.00 -6.93
CA ARG B 174 8.41 2.01 -7.12
C ARG B 174 7.99 0.70 -7.67
N THR B 175 6.77 0.60 -8.20
CA THR B 175 6.39 -0.60 -8.83
C THR B 175 7.19 -0.75 -10.12
N ILE B 176 7.13 -1.94 -10.74
CA ILE B 176 7.86 -2.09 -12.00
C ILE B 176 7.36 -1.12 -13.09
N THR B 177 6.03 -0.91 -13.15
CA THR B 177 5.52 0.03 -14.12
C THR B 177 5.97 1.48 -13.87
N ALA B 178 6.15 1.86 -12.60
CA ALA B 178 6.65 3.18 -12.31
C ALA B 178 8.10 3.22 -12.73
N CYS B 179 8.89 2.19 -12.40
CA CYS B 179 10.30 2.12 -12.85
C CYS B 179 10.38 2.21 -14.37
N SER B 180 9.38 1.65 -15.05
CA SER B 180 9.40 1.63 -16.50
C SER B 180 9.11 3.00 -17.11
N SER B 181 8.58 3.92 -16.31
CA SER B 181 8.25 5.28 -16.76
C SER B 181 9.13 6.34 -16.11
N SER B 182 10.21 5.90 -15.49
CA SER B 182 11.17 6.78 -14.82
C SER B 182 12.37 7.08 -15.71
N THR B 183 13.02 8.22 -15.45
CA THR B 183 14.25 8.59 -16.15
C THR B 183 15.36 8.68 -15.11
N THR B 184 15.09 8.20 -13.90
CA THR B 184 16.09 8.23 -12.82
C THR B 184 16.81 6.88 -12.81
N PHE B 185 18.11 6.90 -13.12
CA PHE B 185 18.89 5.66 -13.19
C PHE B 185 18.66 4.62 -12.08
N ASP B 186 18.80 5.05 -10.82
CA ASP B 186 18.62 4.16 -9.68
C ASP B 186 17.24 3.58 -9.54
N CYS B 187 16.24 4.30 -10.07
N CYS B 187 16.23 4.29 -10.06
CA CYS B 187 14.87 3.84 -10.00
CA CYS B 187 14.88 3.76 -9.99
C CYS B 187 14.59 2.70 -10.98
C CYS B 187 14.67 2.62 -10.95
N TYR B 188 15.22 2.72 -12.16
CA TYR B 188 14.99 1.67 -13.16
C TYR B 188 16.11 0.67 -13.37
N ASN B 189 17.34 0.99 -12.99
CA ASN B 189 18.44 0.14 -13.40
C ASN B 189 18.33 -1.28 -12.89
N ASN B 190 18.45 -2.21 -13.83
CA ASN B 190 18.37 -3.63 -13.51
C ASN B 190 17.06 -4.15 -12.94
N PHE B 191 15.96 -3.47 -13.29
CA PHE B 191 14.65 -3.91 -12.85
C PHE B 191 13.78 -4.26 -14.08
N GLY B 192 14.35 -4.24 -15.29
CA GLY B 192 13.56 -4.61 -16.55
C GLY B 192 13.42 -6.12 -16.71
N PRO B 193 12.75 -6.61 -17.77
CA PRO B 193 12.22 -5.77 -18.84
C PRO B 193 11.07 -4.88 -18.38
N PHE B 194 10.89 -3.78 -19.08
CA PHE B 194 9.96 -2.74 -18.69
C PHE B 194 8.63 -2.73 -19.39
N THR B 195 7.65 -2.21 -18.67
CA THR B 195 6.32 -2.07 -19.22
C THR B 195 6.38 -1.08 -20.37
N PRO B 196 5.83 -1.44 -21.55
CA PRO B 196 5.85 -0.44 -22.64
C PRO B 196 4.67 0.52 -22.51
N GLY B 197 4.63 1.49 -23.42
CA GLY B 197 3.54 2.43 -23.48
C GLY B 197 3.69 3.81 -22.89
N PHE B 198 4.93 4.25 -22.68
CA PHE B 198 5.18 5.55 -22.13
C PHE B 198 6.00 6.42 -23.08
N GLU B 199 5.69 7.71 -23.09
CA GLU B 199 6.40 8.69 -23.91
C GLU B 199 6.87 9.71 -22.91
N LEU B 200 8.19 9.88 -22.80
CA LEU B 200 8.75 10.81 -21.87
C LEU B 200 9.15 12.13 -22.55
N ILE B 201 8.67 13.23 -22.02
CA ILE B 201 8.97 14.56 -22.52
C ILE B 201 9.56 15.39 -21.37
N ASP B 202 10.25 16.48 -21.72
CA ASP B 202 10.75 17.37 -20.67
C ASP B 202 9.59 17.95 -19.86
N TYR B 203 9.83 18.18 -18.60
CA TYR B 203 8.86 18.83 -17.71
C TYR B 203 8.88 20.33 -18.07
N ASP B 204 7.79 21.01 -17.78
CA ASP B 204 7.68 22.46 -17.96
C ASP B 204 8.01 22.83 -19.41
N ASP B 205 7.42 22.09 -20.37
CA ASP B 205 7.69 22.29 -21.78
C ASP B 205 6.41 22.03 -22.59
N VAL B 206 5.67 23.09 -22.79
CA VAL B 206 4.39 22.97 -23.50
C VAL B 206 4.57 22.56 -24.94
N GLY B 207 5.59 23.09 -25.61
CA GLY B 207 5.85 22.72 -27.02
C GLY B 207 6.09 21.21 -27.20
N ALA B 208 6.90 20.63 -26.33
CA ALA B 208 7.12 19.15 -26.34
C ALA B 208 5.84 18.33 -26.08
N LEU B 209 4.97 18.83 -25.22
CA LEU B 209 3.72 18.17 -24.94
C LEU B 209 2.81 18.29 -26.17
N GLU B 210 2.78 19.47 -26.74
CA GLU B 210 1.92 19.67 -27.92
C GLU B 210 2.29 18.65 -29.01
N GLU B 211 3.58 18.48 -29.22
CA GLU B 211 4.08 17.53 -30.23
C GLU B 211 3.71 16.08 -29.88
N ALA B 212 3.89 15.68 -28.61
CA ALA B 212 3.57 14.33 -28.15
C ALA B 212 2.09 14.03 -28.28
N LEU B 213 1.28 15.09 -28.13
CA LEU B 213 -0.20 14.98 -28.23
C LEU B 213 -0.75 14.80 -29.66
N LYS B 214 0.11 14.91 -30.66
CA LYS B 214 -0.31 14.69 -32.03
C LYS B 214 -0.61 13.20 -32.26
N ASP B 215 -0.07 12.32 -31.42
CA ASP B 215 -0.33 10.86 -31.55
C ASP B 215 -1.73 10.51 -31.01
N PRO B 216 -2.66 10.06 -31.87
CA PRO B 216 -4.00 9.77 -31.34
C PRO B 216 -4.13 8.57 -30.39
N ASN B 217 -3.08 7.77 -30.29
CA ASN B 217 -3.06 6.62 -29.37
C ASN B 217 -2.80 7.05 -27.92
N VAL B 218 -2.53 8.34 -27.71
CA VAL B 218 -2.30 8.84 -26.33
C VAL B 218 -3.60 8.81 -25.55
N ALA B 219 -3.55 8.17 -24.38
CA ALA B 219 -4.69 8.10 -23.48
C ALA B 219 -4.70 9.20 -22.46
N ALA B 220 -3.53 9.48 -21.89
CA ALA B 220 -3.40 10.47 -20.82
C ALA B 220 -2.03 11.14 -20.78
N PHE B 221 -1.99 12.30 -20.14
CA PHE B 221 -0.76 13.00 -19.77
C PHE B 221 -0.79 12.99 -18.23
N PHE B 222 0.29 12.48 -17.59
CA PHE B 222 0.37 12.27 -16.17
C PHE B 222 1.49 13.13 -15.69
N VAL B 223 1.14 14.09 -14.85
CA VAL B 223 2.08 15.10 -14.39
C VAL B 223 1.85 15.64 -12.95
N GLU B 224 2.96 16.12 -12.35
CA GLU B 224 2.95 16.77 -11.03
C GLU B 224 2.92 18.30 -11.23
N PRO B 225 2.15 19.06 -10.42
CA PRO B 225 2.09 20.52 -10.59
C PRO B 225 3.46 21.17 -10.27
N ILE B 226 4.19 20.48 -9.42
CA ILE B 226 5.58 20.83 -9.02
C ILE B 226 6.25 19.47 -8.89
N GLN B 227 7.39 19.26 -9.53
CA GLN B 227 8.04 17.94 -9.43
C GLN B 227 8.65 17.86 -8.07
N GLY B 228 8.20 16.90 -7.26
CA GLY B 228 8.72 16.79 -5.90
C GLY B 228 10.08 16.14 -5.78
N GLU B 229 10.16 14.84 -6.03
CA GLU B 229 11.44 14.12 -5.91
C GLU B 229 12.46 14.60 -6.94
N GLY B 230 11.98 15.09 -8.10
CA GLY B 230 12.83 15.67 -9.14
C GLY B 230 13.60 16.93 -8.68
N GLY B 231 13.22 17.46 -7.51
CA GLY B 231 13.89 18.61 -6.88
C GLY B 231 13.08 19.87 -6.66
N VAL B 232 11.79 19.74 -6.40
CA VAL B 232 10.89 20.88 -6.20
C VAL B 232 11.05 21.79 -7.46
N ASN B 233 10.72 21.23 -8.63
CA ASN B 233 10.84 21.95 -9.87
C ASN B 233 9.53 22.66 -10.09
N VAL B 234 9.56 23.99 -9.99
CA VAL B 234 8.36 24.80 -10.15
C VAL B 234 8.29 25.23 -11.59
N PRO B 235 7.20 24.88 -12.27
CA PRO B 235 7.12 25.22 -13.68
C PRO B 235 6.79 26.69 -13.95
N LYS B 236 6.96 27.09 -15.19
CA LYS B 236 6.64 28.46 -15.60
C LYS B 236 5.15 28.79 -15.46
N PRO B 237 4.85 30.10 -15.38
CA PRO B 237 3.48 30.49 -15.31
C PRO B 237 2.64 29.96 -16.47
N GLY B 238 1.48 29.41 -16.12
CA GLY B 238 0.50 28.90 -17.09
C GLY B 238 0.71 27.48 -17.57
N TYR B 239 1.77 26.83 -17.11
CA TYR B 239 2.06 25.46 -17.57
C TYR B 239 0.92 24.47 -17.50
N LEU B 240 0.35 24.28 -16.30
CA LEU B 240 -0.69 23.30 -16.17
C LEU B 240 -1.95 23.76 -16.94
N LYS B 241 -2.25 25.04 -16.92
CA LYS B 241 -3.45 25.54 -17.65
C LYS B 241 -3.31 25.24 -19.12
N ARG B 242 -2.15 25.56 -19.68
CA ARG B 242 -1.89 25.34 -21.09
C ARG B 242 -1.92 23.84 -21.39
N ALA B 243 -1.28 23.07 -20.55
CA ALA B 243 -1.33 21.59 -20.70
C ALA B 243 -2.73 21.03 -20.75
N HIS B 244 -3.61 21.49 -19.87
CA HIS B 244 -4.96 20.95 -19.88
C HIS B 244 -5.71 21.26 -21.17
N GLU B 245 -5.55 22.48 -21.69
CA GLU B 245 -6.22 22.87 -22.96
C GLU B 245 -5.74 22.00 -24.13
N LEU B 246 -4.45 21.73 -24.18
CA LEU B 246 -3.89 20.84 -25.23
C LEU B 246 -4.46 19.45 -25.10
N CYS B 247 -4.53 18.93 -23.87
CA CYS B 247 -5.08 17.58 -23.65
C CYS B 247 -6.54 17.52 -24.02
N ARG B 248 -7.29 18.50 -23.55
CA ARG B 248 -8.75 18.53 -23.81
C ARG B 248 -9.04 18.56 -25.31
N SER B 249 -8.25 19.36 -26.02
CA SER B 249 -8.29 19.50 -27.49
C SER B 249 -8.23 18.17 -28.23
N LYS B 250 -7.42 17.24 -27.70
CA LYS B 250 -7.21 15.89 -28.26
C LYS B 250 -7.96 14.77 -27.55
N ASN B 251 -8.83 15.09 -26.61
CA ASN B 251 -9.58 14.10 -25.84
C ASN B 251 -8.61 13.14 -25.15
N VAL B 252 -7.62 13.75 -24.49
CA VAL B 252 -6.59 13.05 -23.71
C VAL B 252 -6.80 13.46 -22.23
N LEU B 253 -6.83 12.47 -21.32
CA LEU B 253 -7.05 12.73 -19.92
C LEU B 253 -5.84 13.36 -19.26
N LEU B 254 -6.06 14.42 -18.50
CA LEU B 254 -4.97 15.05 -17.68
C LEU B 254 -5.07 14.39 -16.29
N ILE B 255 -4.04 13.61 -15.93
CA ILE B 255 -3.94 12.93 -14.67
C ILE B 255 -2.98 13.79 -13.88
N VAL B 256 -3.46 14.44 -12.83
CA VAL B 256 -2.58 15.30 -11.99
C VAL B 256 -2.28 14.64 -10.68
N ASP B 257 -0.99 14.45 -10.40
CA ASP B 257 -0.53 13.79 -9.20
C ASP B 257 -0.32 14.85 -8.12
N GLU B 258 -1.24 14.91 -7.15
CA GLU B 258 -1.19 15.86 -6.03
C GLU B 258 -0.83 15.18 -4.70
N ILE B 259 -0.23 14.00 -4.81
CA ILE B 259 0.11 13.20 -3.63
C ILE B 259 1.07 13.94 -2.78
N GLN B 260 1.97 14.68 -3.40
CA GLN B 260 2.95 15.46 -2.62
C GLN B 260 2.61 16.94 -2.59
N THR B 261 1.97 17.43 -3.65
CA THR B 261 1.69 18.88 -3.73
C THR B 261 0.33 19.31 -3.20
N GLY B 262 -0.55 18.36 -2.97
CA GLY B 262 -1.92 18.64 -2.61
C GLY B 262 -2.13 18.90 -1.16
N LEU B 263 -3.38 19.13 -0.85
CA LEU B 263 -3.82 19.26 0.52
C LEU B 263 -3.08 20.36 1.28
N CYS B 264 -3.09 21.55 0.68
CA CYS B 264 -2.64 22.79 1.29
C CYS B 264 -1.15 23.05 1.34
N ARG B 265 -0.33 22.07 1.01
CA ARG B 265 1.14 22.23 1.07
C ARG B 265 1.67 23.42 0.27
N THR B 266 1.07 23.75 -0.87
CA THR B 266 1.54 24.85 -1.72
C THR B 266 0.77 26.15 -1.49
N GLY B 267 -0.10 26.17 -0.48
CA GLY B 267 -0.86 27.38 -0.18
C GLY B 267 -2.27 27.41 -0.76
N ARG B 268 -2.65 26.34 -1.45
CA ARG B 268 -3.99 26.13 -2.01
C ARG B 268 -4.42 24.68 -1.71
N LEU B 269 -5.72 24.40 -1.75
CA LEU B 269 -6.20 23.05 -1.45
C LEU B 269 -5.47 22.03 -2.37
N LEU B 270 -5.47 22.30 -3.67
CA LEU B 270 -4.73 21.53 -4.64
C LEU B 270 -3.74 22.48 -5.32
N ALA B 271 -2.54 22.01 -5.63
CA ALA B 271 -1.59 22.84 -6.37
C ALA B 271 -2.12 23.21 -7.75
N ALA B 272 -2.99 22.36 -8.29
CA ALA B 272 -3.61 22.63 -9.59
C ALA B 272 -4.45 23.91 -9.57
N ASP B 273 -4.94 24.29 -8.40
CA ASP B 273 -5.77 25.48 -8.22
C ASP B 273 -4.98 26.74 -8.61
N HIS B 274 -3.66 26.70 -8.50
CA HIS B 274 -2.84 27.84 -8.91
C HIS B 274 -3.14 28.22 -10.38
N ASP B 275 -3.55 27.24 -11.20
CA ASP B 275 -3.84 27.41 -12.62
C ASP B 275 -5.31 27.24 -12.96
N GLU B 276 -6.14 27.17 -11.92
CA GLU B 276 -7.55 26.92 -12.05
C GLU B 276 -7.82 25.67 -12.84
N VAL B 277 -7.01 24.66 -12.64
CA VAL B 277 -7.19 23.40 -13.37
C VAL B 277 -7.92 22.38 -12.51
N HIS B 278 -8.97 21.77 -13.05
CA HIS B 278 -9.66 20.66 -12.32
C HIS B 278 -9.17 19.38 -13.06
N PRO B 279 -8.26 18.59 -12.45
CA PRO B 279 -7.74 17.42 -13.13
C PRO B 279 -8.82 16.46 -13.63
N ASP B 280 -8.60 15.85 -14.78
CA ASP B 280 -9.56 14.85 -15.26
C ASP B 280 -9.51 13.65 -14.29
N ILE B 281 -8.30 13.32 -13.80
CA ILE B 281 -8.13 12.32 -12.81
C ILE B 281 -7.19 12.94 -11.78
N LEU B 282 -7.66 12.99 -10.56
CA LEU B 282 -6.85 13.52 -9.46
C LEU B 282 -6.29 12.39 -8.63
N LEU B 283 -5.03 12.55 -8.20
CA LEU B 283 -4.47 11.59 -7.25
C LEU B 283 -4.09 12.30 -5.93
N LEU B 284 -4.54 11.75 -4.79
CA LEU B 284 -4.18 12.22 -3.45
C LEU B 284 -3.58 11.09 -2.64
N GLY B 285 -2.82 11.42 -1.60
CA GLY B 285 -2.26 10.42 -0.74
C GLY B 285 -1.55 11.16 0.37
N LYS B 286 -0.51 10.54 0.91
CA LYS B 286 0.33 11.16 1.95
C LYS B 286 -0.45 11.84 3.06
N SER B 287 -0.54 13.17 3.07
CA SER B 287 -1.31 13.88 4.09
C SER B 287 -2.78 13.61 4.18
N LEU B 288 -3.32 12.87 3.21
CA LEU B 288 -4.71 12.45 3.19
C LEU B 288 -5.02 11.70 4.50
N SER B 289 -4.00 11.07 5.13
CA SER B 289 -4.16 10.37 6.41
C SER B 289 -3.42 11.03 7.58
N ALA B 290 -2.90 12.23 7.33
CA ALA B 290 -2.11 12.93 8.34
C ALA B 290 -0.92 12.04 8.79
N GLY B 291 -0.46 11.17 7.90
CA GLY B 291 0.72 10.31 8.21
C GLY B 291 0.46 9.17 9.19
N VAL B 292 -0.82 8.87 9.43
CA VAL B 292 -1.18 7.87 10.42
C VAL B 292 -1.27 6.45 9.90
N VAL B 293 -1.90 6.28 8.75
CA VAL B 293 -2.03 5.01 8.05
C VAL B 293 -2.00 5.30 6.53
N PRO B 294 -1.51 4.35 5.73
CA PRO B 294 -1.47 4.55 4.29
C PRO B 294 -2.88 4.57 3.60
N ILE B 295 -3.23 5.70 3.03
CA ILE B 295 -4.47 5.83 2.25
C ILE B 295 -4.20 6.80 1.13
N SER B 296 -4.68 6.42 -0.06
CA SER B 296 -4.53 7.25 -1.22
C SER B 296 -5.90 7.18 -1.94
N ALA B 297 -6.06 8.09 -2.88
CA ALA B 297 -7.34 8.24 -3.67
C ALA B 297 -7.10 8.59 -5.09
N VAL B 298 -8.01 8.11 -5.94
CA VAL B 298 -8.02 8.40 -7.34
C VAL B 298 -9.46 8.88 -7.54
N MET B 299 -9.64 10.06 -8.09
CA MET B 299 -11.01 10.59 -8.29
C MET B 299 -11.17 11.04 -9.70
N GLY B 300 -12.40 10.94 -10.20
CA GLY B 300 -12.63 11.38 -11.57
C GLY B 300 -14.13 11.30 -11.89
N ARG B 301 -14.45 11.77 -13.08
CA ARG B 301 -15.82 11.73 -13.57
C ARG B 301 -16.31 10.32 -13.82
N ALA B 302 -17.63 10.17 -13.71
CA ALA B 302 -18.28 8.87 -13.87
C ALA B 302 -17.92 8.10 -15.13
N ASP B 303 -17.95 8.80 -16.26
CA ASP B 303 -17.73 8.15 -17.55
C ASP B 303 -16.30 7.68 -17.72
N VAL B 304 -15.42 8.08 -16.80
CA VAL B 304 -14.06 7.61 -16.88
C VAL B 304 -13.87 6.53 -15.81
N MET B 305 -14.27 6.85 -14.59
CA MET B 305 -14.04 5.89 -13.49
C MET B 305 -14.86 4.64 -13.57
N ASP B 306 -16.00 4.71 -14.27
CA ASP B 306 -16.86 3.55 -14.34
C ASP B 306 -16.30 2.45 -15.22
N VAL B 307 -15.21 2.71 -15.93
CA VAL B 307 -14.60 1.63 -16.70
C VAL B 307 -14.11 0.52 -15.77
N LEU B 308 -13.82 0.83 -14.49
CA LEU B 308 -13.44 -0.22 -13.57
C LEU B 308 -14.63 -0.99 -13.06
N LYS B 309 -15.03 -2.00 -13.83
CA LYS B 309 -16.16 -2.81 -13.48
C LYS B 309 -15.81 -3.85 -12.42
N PRO B 310 -16.86 -4.44 -11.79
CA PRO B 310 -16.59 -5.44 -10.78
C PRO B 310 -15.64 -6.54 -11.23
N GLY B 311 -14.62 -6.79 -10.41
CA GLY B 311 -13.62 -7.80 -10.65
C GLY B 311 -12.44 -7.36 -11.49
N THR B 312 -12.47 -6.13 -12.00
CA THR B 312 -11.38 -5.66 -12.86
C THR B 312 -10.34 -4.90 -12.10
N HIS B 313 -10.57 -4.67 -10.82
CA HIS B 313 -9.60 -3.94 -10.01
C HIS B 313 -10.03 -4.14 -8.58
N GLY B 314 -9.09 -4.08 -7.64
CA GLY B 314 -9.47 -4.39 -6.29
C GLY B 314 -8.26 -4.12 -5.41
N SER B 315 -8.49 -4.27 -4.12
CA SER B 315 -7.45 -4.03 -3.08
C SER B 315 -7.96 -4.57 -1.78
N THR B 316 -7.13 -5.28 -1.02
CA THR B 316 -7.60 -5.81 0.26
C THR B 316 -7.92 -4.64 1.23
N PHE B 317 -6.95 -3.77 1.48
CA PHE B 317 -7.15 -2.73 2.43
C PHE B 317 -7.68 -1.44 1.89
N GLY B 318 -7.83 -1.30 0.57
CA GLY B 318 -8.29 -0.02 0.03
C GLY B 318 -9.69 0.26 0.59
N GLY B 319 -9.90 1.48 1.07
CA GLY B 319 -11.16 1.90 1.66
C GLY B 319 -11.59 1.21 2.92
N ASN B 320 -10.63 0.67 3.68
CA ASN B 320 -10.98 0.06 4.91
C ASN B 320 -11.56 1.14 5.84
N PRO B 321 -12.49 0.77 6.71
CA PRO B 321 -13.10 1.77 7.60
C PRO B 321 -12.18 2.55 8.51
N LEU B 322 -11.11 1.95 8.98
CA LEU B 322 -10.20 2.70 9.85
C LEU B 322 -9.54 3.86 9.09
N ALA B 323 -9.01 3.57 7.90
CA ALA B 323 -8.39 4.60 7.08
C ALA B 323 -9.39 5.66 6.67
N CYS B 324 -10.60 5.25 6.30
CA CYS B 324 -11.61 6.25 5.96
C CYS B 324 -11.92 7.22 7.13
N ALA B 325 -12.07 6.70 8.33
CA ALA B 325 -12.31 7.56 9.50
C ALA B 325 -11.16 8.54 9.72
N VAL B 326 -9.93 8.04 9.56
CA VAL B 326 -8.76 8.92 9.70
C VAL B 326 -8.70 9.99 8.62
N ALA B 327 -8.98 9.60 7.37
CA ALA B 327 -8.89 10.52 6.25
C ALA B 327 -9.89 11.66 6.40
N VAL B 328 -11.12 11.34 6.79
CA VAL B 328 -12.11 12.40 6.98
C VAL B 328 -11.63 13.40 8.06
N GLU B 329 -11.10 12.89 9.17
CA GLU B 329 -10.59 13.77 10.19
C GLU B 329 -9.40 14.62 9.64
N ALA B 330 -8.44 13.95 8.99
CA ALA B 330 -7.26 14.61 8.44
C ALA B 330 -7.62 15.73 7.47
N LEU B 331 -8.65 15.50 6.64
CA LEU B 331 -9.04 16.50 5.69
C LEU B 331 -9.72 17.66 6.33
N THR B 332 -10.48 17.37 7.37
CA THR B 332 -11.19 18.42 8.08
C THR B 332 -10.18 19.32 8.80
N VAL B 333 -9.15 18.74 9.36
CA VAL B 333 -8.11 19.52 10.07
C VAL B 333 -7.52 20.57 9.12
N LEU B 334 -7.27 20.19 7.86
CA LEU B 334 -6.72 21.13 6.87
C LEU B 334 -7.59 22.39 6.75
N LYS B 335 -8.89 22.20 6.60
CA LYS B 335 -9.82 23.30 6.50
C LYS B 335 -9.98 24.06 7.84
N ASP B 336 -10.23 23.36 8.93
CA ASP B 336 -10.43 24.02 10.25
C ASP B 336 -9.27 24.90 10.69
N GLU B 337 -8.07 24.42 10.47
CA GLU B 337 -6.90 25.13 10.94
C GLU B 337 -6.35 26.09 9.88
N LYS B 338 -7.08 26.25 8.78
CA LYS B 338 -6.68 27.16 7.69
C LYS B 338 -5.18 26.96 7.33
N LEU B 339 -4.82 25.71 7.09
CA LEU B 339 -3.41 25.39 6.79
C LEU B 339 -2.92 25.88 5.42
N ALA B 340 -3.80 26.00 4.42
CA ALA B 340 -3.42 26.57 3.15
C ALA B 340 -2.95 28.02 3.32
N ASP B 341 -3.71 28.84 4.05
CA ASP B 341 -3.34 30.24 4.31
C ASP B 341 -2.04 30.25 5.13
N ARG B 342 -1.90 29.36 6.06
CA ARG B 342 -0.66 29.27 6.82
C ARG B 342 0.53 28.93 5.92
N ALA B 343 0.37 27.96 5.05
CA ALA B 343 1.45 27.59 4.16
C ALA B 343 1.84 28.74 3.23
N GLU B 344 0.83 29.45 2.71
CA GLU B 344 1.09 30.55 1.82
C GLU B 344 1.95 31.64 2.49
N ARG B 345 1.51 32.01 3.66
CA ARG B 345 2.11 33.11 4.38
C ARG B 345 3.50 32.76 4.90
N LEU B 346 3.64 31.63 5.55
CA LEU B 346 4.93 31.23 6.10
C LEU B 346 5.94 30.91 5.01
N GLY B 347 5.45 30.33 3.91
CA GLY B 347 6.35 29.97 2.82
C GLY B 347 6.95 31.18 2.10
N ALA B 348 6.12 32.18 1.89
CA ALA B 348 6.58 33.41 1.24
C ALA B 348 7.66 34.07 2.13
N GLN B 349 7.43 34.00 3.42
CA GLN B 349 8.37 34.53 4.39
C GLN B 349 9.67 33.76 4.37
N PHE B 350 9.60 32.44 4.38
CA PHE B 350 10.80 31.59 4.35
C PHE B 350 11.66 31.90 3.15
N ARG B 351 11.05 31.97 1.97
CA ARG B 351 11.79 32.23 0.71
C ARG B 351 12.41 33.63 0.73
N ASP B 352 11.61 34.57 1.20
CA ASP B 352 12.06 35.94 1.31
C ASP B 352 13.26 36.03 2.23
N CYS B 353 13.17 35.44 3.42
CA CYS B 353 14.31 35.45 4.35
C CYS B 353 15.54 34.78 3.77
N LEU B 354 15.37 33.56 3.22
CA LEU B 354 16.54 32.88 2.67
C LEU B 354 17.19 33.62 1.53
N ARG B 355 16.37 34.13 0.61
CA ARG B 355 16.91 34.88 -0.54
C ARG B 355 17.64 36.16 -0.13
N ARG B 356 17.10 36.84 0.86
CA ARG B 356 17.73 38.07 1.35
C ARG B 356 18.99 37.78 2.16
N GLU B 357 18.99 36.74 2.99
CA GLU B 357 20.15 36.48 3.84
C GLU B 357 21.22 35.51 3.33
N LEU B 358 20.93 34.77 2.27
CA LEU B 358 21.86 33.77 1.73
C LEU B 358 22.39 34.03 0.34
N TYR B 359 21.54 34.54 -0.57
CA TYR B 359 22.01 34.88 -1.92
C TYR B 359 23.08 35.98 -1.77
N GLY B 360 24.20 35.82 -2.48
CA GLY B 360 25.29 36.79 -2.41
C GLY B 360 26.29 36.41 -1.33
N LYS B 361 25.81 36.09 -0.13
CA LYS B 361 26.72 35.66 0.94
C LYS B 361 27.20 34.23 0.73
N VAL B 362 26.35 33.38 0.15
CA VAL B 362 26.70 31.97 -0.06
C VAL B 362 26.75 31.70 -1.57
N PRO B 363 27.95 31.72 -2.19
CA PRO B 363 28.02 31.55 -3.65
C PRO B 363 27.62 30.18 -4.20
N TRP B 364 27.69 29.14 -3.36
CA TRP B 364 27.36 27.78 -3.80
C TRP B 364 25.87 27.42 -3.75
N ILE B 365 25.04 28.40 -3.40
CA ILE B 365 23.60 28.21 -3.48
C ILE B 365 23.23 28.59 -4.93
N LYS B 366 22.66 27.63 -5.65
CA LYS B 366 22.25 27.82 -7.04
C LYS B 366 20.86 28.48 -7.13
N GLU B 367 19.94 28.06 -6.27
CA GLU B 367 18.61 28.60 -6.31
C GLU B 367 17.81 28.24 -5.08
N ILE B 368 16.92 29.16 -4.72
CA ILE B 368 15.98 29.04 -3.63
C ILE B 368 14.61 29.11 -4.31
N ARG B 369 13.84 28.03 -4.18
CA ARG B 369 12.57 27.94 -4.91
C ARG B 369 11.54 27.13 -4.15
N GLY B 370 10.29 27.30 -4.58
CA GLY B 370 9.15 26.62 -4.00
C GLY B 370 7.86 27.40 -4.07
N ARG B 371 6.79 26.79 -3.58
CA ARG B 371 5.48 27.39 -3.42
C ARG B 371 4.93 26.93 -2.07
N GLY B 372 4.27 27.83 -1.34
CA GLY B 372 3.78 27.50 0.00
C GLY B 372 4.93 27.03 0.87
N LEU B 373 4.72 25.92 1.58
CA LEU B 373 5.77 25.30 2.40
C LEU B 373 6.39 24.05 1.72
N LEU B 374 6.44 24.09 0.38
CA LEU B 374 7.18 23.09 -0.42
C LEU B 374 8.36 23.87 -1.01
N ASN B 375 9.48 23.92 -0.27
CA ASN B 375 10.64 24.71 -0.66
C ASN B 375 11.91 23.95 -0.70
N ALA B 376 12.85 24.45 -1.53
CA ALA B 376 14.12 23.80 -1.72
C ALA B 376 15.21 24.83 -1.92
N VAL B 377 16.41 24.42 -1.56
CA VAL B 377 17.62 25.18 -1.79
C VAL B 377 18.55 24.26 -2.56
N GLU B 378 18.75 24.53 -3.84
CA GLU B 378 19.67 23.73 -4.64
C GLU B 378 21.08 24.31 -4.50
N VAL B 379 22.00 23.44 -4.13
CA VAL B 379 23.38 23.82 -3.96
C VAL B 379 24.23 23.20 -5.08
N ASP B 380 25.41 23.77 -5.27
CA ASP B 380 26.37 23.31 -6.27
C ASP B 380 27.24 22.26 -5.60
N SER B 381 27.03 20.99 -5.94
CA SER B 381 27.79 19.89 -5.33
C SER B 381 29.26 19.83 -5.74
N ASP B 382 29.67 20.67 -6.70
CA ASP B 382 31.08 20.72 -7.11
C ASP B 382 31.81 21.77 -6.28
N ALA B 383 31.04 22.66 -5.66
CA ALA B 383 31.59 23.74 -4.84
C ALA B 383 31.51 23.44 -3.35
N ILE B 384 30.67 22.48 -2.96
CA ILE B 384 30.48 22.14 -1.54
C ILE B 384 30.03 20.68 -1.41
N ASP B 385 30.21 20.07 -0.24
CA ASP B 385 29.71 18.73 0.01
C ASP B 385 28.29 18.95 0.53
N PRO B 386 27.27 18.51 -0.22
CA PRO B 386 25.93 18.78 0.32
C PRO B 386 25.67 18.13 1.67
N ASN B 387 26.33 17.00 1.96
CA ASN B 387 26.12 16.33 3.23
C ASN B 387 26.55 17.19 4.42
N ASP B 388 27.51 18.09 4.17
CA ASP B 388 27.95 19.05 5.22
C ASP B 388 26.78 19.96 5.62
N VAL B 389 25.90 20.30 4.67
CA VAL B 389 24.77 21.18 4.95
C VAL B 389 23.77 20.37 5.79
N VAL B 390 23.48 19.15 5.34
CA VAL B 390 22.59 18.27 6.07
C VAL B 390 23.00 18.08 7.53
N MET B 391 24.27 17.78 7.78
N MET B 391 24.26 17.72 7.79
CA MET B 391 24.75 17.57 9.16
CA MET B 391 24.72 17.52 9.20
C MET B 391 24.73 18.83 10.02
C MET B 391 24.75 18.82 10.03
N LYS B 392 25.07 19.96 9.40
CA LYS B 392 25.08 21.24 10.13
C LYS B 392 23.64 21.58 10.47
N LEU B 393 22.70 21.24 9.58
CA LEU B 393 21.34 21.55 9.93
C LEU B 393 20.88 20.78 11.13
N LYS B 394 21.30 19.53 11.20
CA LYS B 394 20.88 18.69 12.29
C LYS B 394 21.54 19.18 13.58
N GLU B 395 22.78 19.60 13.46
CA GLU B 395 23.50 20.11 14.63
C GLU B 395 22.73 21.31 15.18
N ASN B 396 22.07 22.04 14.29
CA ASN B 396 21.27 23.22 14.66
C ASN B 396 19.78 22.90 14.85
N GLY B 397 19.46 21.62 15.07
CA GLY B 397 18.10 21.24 15.42
C GLY B 397 17.11 21.11 14.28
N ILE B 398 17.61 21.04 13.05
CA ILE B 398 16.76 20.87 11.85
C ILE B 398 17.01 19.51 11.19
N LEU B 399 15.93 18.75 10.91
CA LEU B 399 16.09 17.46 10.31
C LEU B 399 15.50 17.51 8.93
N SER B 400 16.32 17.18 7.94
CA SER B 400 15.85 17.08 6.58
C SER B 400 16.74 16.12 5.80
N LYS B 401 16.25 15.80 4.62
CA LYS B 401 16.90 14.86 3.74
C LYS B 401 16.79 15.44 2.34
N PRO B 402 17.92 15.56 1.64
CA PRO B 402 17.84 16.11 0.30
C PRO B 402 17.29 15.14 -0.72
N THR B 403 16.99 15.64 -1.91
CA THR B 403 16.66 14.78 -3.03
C THR B 403 17.73 15.11 -4.10
N ARG B 404 18.08 14.09 -4.89
CA ARG B 404 19.14 14.18 -5.92
C ARG B 404 20.48 14.67 -5.36
N GLY B 405 20.73 14.33 -4.11
CA GLY B 405 21.98 14.72 -3.42
C GLY B 405 22.12 16.21 -3.10
N ARG B 406 21.95 17.04 -4.11
CA ARG B 406 22.15 18.48 -3.97
C ARG B 406 20.95 19.37 -3.71
N VAL B 407 19.71 18.86 -3.77
CA VAL B 407 18.59 19.73 -3.52
C VAL B 407 18.13 19.61 -2.10
N MET B 408 18.49 20.59 -1.26
CA MET B 408 18.06 20.58 0.13
C MET B 408 16.55 20.83 0.18
N ARG B 409 15.82 20.06 1.00
CA ARG B 409 14.37 20.22 1.10
C ARG B 409 13.90 20.74 2.44
N PHE B 410 12.93 21.64 2.40
CA PHE B 410 12.38 22.26 3.61
C PHE B 410 10.90 22.11 3.48
N ILE B 411 10.37 21.08 4.16
CA ILE B 411 8.98 20.69 4.07
C ILE B 411 8.49 20.39 5.50
N PRO B 412 8.24 21.45 6.27
CA PRO B 412 7.77 21.22 7.60
C PRO B 412 6.26 20.96 7.68
N PRO B 413 5.80 20.42 8.83
CA PRO B 413 4.35 20.32 8.96
C PRO B 413 3.74 21.76 8.86
N LEU B 414 2.58 21.89 8.26
CA LEU B 414 1.95 23.18 8.09
C LEU B 414 1.44 23.78 9.37
N VAL B 415 1.22 22.94 10.36
CA VAL B 415 0.79 23.39 11.67
C VAL B 415 1.92 24.07 12.44
N ILE B 416 3.12 24.13 11.86
CA ILE B 416 4.26 24.83 12.50
C ILE B 416 3.78 26.25 12.87
N THR B 417 4.05 26.62 14.10
CA THR B 417 3.64 27.92 14.62
C THR B 417 4.49 29.03 14.04
N ASP B 418 4.03 30.24 14.21
CA ASP B 418 4.80 31.41 13.74
C ASP B 418 6.16 31.43 14.44
N GLU B 419 6.16 31.27 15.77
CA GLU B 419 7.42 31.29 16.52
C GLU B 419 8.33 30.12 16.17
N GLU B 420 7.77 28.93 16.07
CA GLU B 420 8.57 27.78 15.67
C GLU B 420 9.20 27.99 14.31
N HIS B 421 8.41 28.53 13.37
CA HIS B 421 8.86 28.78 12.02
C HIS B 421 9.95 29.85 11.95
N ARG B 422 9.83 30.85 12.82
N ARG B 422 9.84 30.87 12.80
CA ARG B 422 10.81 31.92 12.89
CA ARG B 422 10.85 31.93 12.86
C ARG B 422 12.10 31.35 13.46
C ARG B 422 12.12 31.34 13.45
N ASP B 423 11.97 30.52 14.51
CA ASP B 423 13.11 29.90 15.14
C ASP B 423 13.79 28.96 14.14
N ALA B 424 13.01 28.19 13.42
CA ALA B 424 13.54 27.23 12.45
C ALA B 424 14.24 27.96 11.29
N THR B 425 13.64 29.05 10.83
CA THR B 425 14.21 29.81 9.71
C THR B 425 15.58 30.33 10.10
N THR B 426 15.67 30.81 11.33
CA THR B 426 16.93 31.34 11.88
C THR B 426 17.97 30.25 11.93
N ARG B 427 17.61 29.09 12.48
CA ARG B 427 18.51 27.92 12.53
C ARG B 427 18.99 27.46 11.15
N ILE B 428 18.11 27.51 10.16
CA ILE B 428 18.42 27.10 8.80
C ILE B 428 19.43 28.06 8.17
N ILE B 429 19.16 29.35 8.28
CA ILE B 429 20.05 30.36 7.75
C ILE B 429 21.42 30.25 8.41
N LYS B 430 21.44 30.07 9.72
CA LYS B 430 22.71 29.93 10.49
C LYS B 430 23.50 28.72 9.98
N SER B 431 22.81 27.67 9.57
CA SER B 431 23.51 26.48 9.12
C SER B 431 24.20 26.69 7.78
N PHE B 432 23.50 27.28 6.81
CA PHE B 432 24.16 27.57 5.51
C PHE B 432 25.35 28.48 5.73
N LEU B 433 25.16 29.51 6.54
CA LEU B 433 26.26 30.43 6.85
C LEU B 433 27.45 29.75 7.52
N ALA B 434 27.18 28.80 8.39
CA ALA B 434 28.30 28.12 9.09
C ALA B 434 29.06 27.21 8.11
N VAL B 435 28.36 26.63 7.13
CA VAL B 435 29.05 25.81 6.14
C VAL B 435 29.88 26.68 5.18
N GLU B 436 29.45 27.93 4.95
CA GLU B 436 30.18 28.83 4.05
C GLU B 436 31.39 29.38 4.78
N GLU B 437 31.27 29.56 6.09
CA GLU B 437 32.38 30.09 6.82
C GLU B 437 33.41 28.99 7.02
N GLU B 438 32.92 27.76 7.13
CA GLU B 438 33.79 26.61 7.30
C GLU B 438 34.50 26.36 5.97
N ARG B 439 33.84 26.68 4.83
CA ARG B 439 34.47 26.55 3.52
C ARG B 439 35.78 27.33 3.55
N LYS B 440 35.77 28.49 4.22
CA LYS B 440 36.99 29.29 4.44
C LYS B 440 37.59 28.85 5.77
S SO4 C . 3.42 -33.82 -11.32
O1 SO4 C . 2.15 -34.39 -11.84
O2 SO4 C . 4.02 -34.81 -10.39
O3 SO4 C . 4.36 -33.55 -12.45
O4 SO4 C . 3.12 -32.54 -10.64
S SO4 D . -3.10 -6.79 -1.37
O1 SO4 D . -4.57 -6.80 -1.65
O2 SO4 D . -2.60 -8.18 -1.42
O3 SO4 D . -2.48 -5.99 -2.43
O4 SO4 D . -2.76 -6.27 0.00
S SO4 E . -13.28 -19.88 -14.76
O1 SO4 E . -14.69 -19.53 -14.99
O2 SO4 E . -13.15 -21.36 -14.85
O3 SO4 E . -12.43 -19.26 -15.78
O4 SO4 E . -12.88 -19.40 -13.41
C1 PEG F . -13.55 -14.35 -19.97
O1 PEG F . -14.40 -15.45 -19.65
C2 PEG F . -12.88 -14.59 -21.32
O2 PEG F . -13.17 -13.49 -22.19
C3 PEG F . -14.50 -13.45 -22.70
C4 PEG F . -15.16 -12.10 -22.41
O4 PEG F . -15.88 -12.10 -21.17
S SO4 G . 7.08 26.33 -23.13
O1 SO4 G . 6.91 25.51 -24.35
O2 SO4 G . 6.66 25.56 -21.94
O3 SO4 G . 6.26 27.57 -23.22
O4 SO4 G . 8.52 26.67 -22.98
S SO4 H . 21.15 13.77 -10.81
O1 SO4 H . 21.37 12.91 -11.99
O2 SO4 H . 19.94 13.31 -10.07
O3 SO4 H . 20.97 15.18 -11.22
O4 SO4 H . 22.31 13.66 -9.89
S SO4 I . 8.03 33.83 -4.46
O1 SO4 I . 6.62 33.61 -4.10
O2 SO4 I . 8.87 33.61 -3.26
O3 SO4 I . 8.49 32.92 -5.54
O4 SO4 I . 8.16 35.22 -4.93
S SO4 J . 3.97 6.11 -1.97
O1 SO4 J . 2.88 6.10 -0.93
O2 SO4 J . 3.92 4.90 -2.83
O3 SO4 J . 3.80 7.32 -2.79
O4 SO4 J . 5.31 6.16 -1.32
C1 PEG K . 15.71 2.26 -20.59
O1 PEG K . 16.47 2.50 -19.40
C2 PEG K . 14.86 3.50 -20.88
O2 PEG K . 14.11 3.84 -19.71
C3 PEG K . 12.93 3.04 -19.55
C4 PEG K . 12.82 2.60 -18.10
O4 PEG K . 12.10 3.60 -17.36
#